data_5SYC
#
_entry.id   5SYC
#
loop_
_entity.id
_entity.type
_entity.pdbx_description
1 polymer 'Tubulin alpha chain'
2 polymer 'Tubulin beta chain'
3 non-polymer "GUANOSINE-5'-TRIPHOSPHATE"
4 non-polymer 'MAGNESIUM ION'
5 non-polymer "GUANOSINE-5'-DIPHOSPHATE"
6 non-polymer 'Peloruside A'
#
loop_
_entity_poly.entity_id
_entity_poly.type
_entity_poly.pdbx_seq_one_letter_code
_entity_poly.pdbx_strand_id
1 'polypeptide(L)'
;MRECISIHVGQAGVQIGNACWELYCLEHGIQPDGQMPSDKTIGGGDDSFNTFFSETGAGKHVPRAVFVDLEPTVIDEVRT
GTYRQLFHPEQLITGKEDAANNYARGHYTIGKEIIDLVLDRIRKLADQCTGLQGFLVFHSFGGGTGSGFTSLLMERLSVD
YGKKSKLEFSIYPAPQVSTAVVEPYNSILTTHTTLEHSDCAFMVDNEAIYDICRRNLDIERPTYTNLNRLISQIVSSITA
SLRFDGALNVDLTEFQTNLVPYPRIHFPLATYAPVISAEKAYHEQLSVAEITNACFEPANQMVKCDPRHGKYMACCLLYR
GDVVPKDVNAAIATIKTKRTIQFVDWCPTGFKVGINYQPPTVVPGGDLAKVQRAVCMLSNTTAIAEAWARLDHKFDLMYA
KRAFVHWYVGEGMEEGEFSEAREDMAALEKDYEEVGV
;
A
2 'polypeptide(L)'
;MREIVHIQAGQCGNQIGAKFWEVISDEHGIDPTGSYHGDSDLQLERINVYYNEAAGNKYVPRAILVDLEPGTMDSVRSGP
FGQIFRPDNFVFGQSGAGNNWAKGHYTEGAELVDSVLDVVRKESESCDCLQGFQLTHSLGGGTGSGMGTLLISKIREEYP
DRIMNTFSVVPSPKVSDTVVEPYNATLSVHQLVENTDETYCIDNEALYDICFRTLKLTTPTYGDLNHLVSATMSGVTTCL
RFPGQLNADLRKLAVNMVPFPRLHFFMPGFAPLTSRGSQQYRALTVPELTQQMFDAKNMMAACDPRHGRYLTVAAVFRGR
MSMKEVDEQMLNVQNKNSSYFVEWIPNNVKTAVCDIPPRGLKMSATFIGNSTAIQELFKRISEQFTAMFRRKAFLHWYTG
EGMDEMEFTEAESNMNDLVSEYQQYQ
;
B
#
loop_
_chem_comp.id
_chem_comp.type
_chem_comp.name
_chem_comp.formula
GDP RNA linking GUANOSINE-5'-DIPHOSPHATE 'C10 H15 N5 O11 P2'
GTP non-polymer GUANOSINE-5'-TRIPHOSPHATE 'C10 H16 N5 O14 P3'
MG non-polymer 'MAGNESIUM ION' 'Mg 2'
POU non-polymer 'Peloruside A' 'C27 H48 O11'
#
# COMPACT_ATOMS: atom_id res chain seq x y z
N MET A 1 -40.30 -2.67 -7.20
CA MET A 1 -39.92 -1.56 -6.28
C MET A 1 -38.52 -0.98 -6.54
N ARG A 2 -38.23 0.13 -5.87
CA ARG A 2 -36.94 0.82 -5.99
C ARG A 2 -35.83 -0.05 -5.41
N GLU A 3 -34.88 -0.43 -6.25
CA GLU A 3 -33.78 -1.32 -5.87
C GLU A 3 -32.46 -0.85 -6.48
N CYS A 4 -31.40 -0.90 -5.68
CA CYS A 4 -30.05 -0.58 -6.14
C CYS A 4 -29.02 -1.59 -5.63
N ILE A 5 -27.95 -1.72 -6.40
CA ILE A 5 -26.86 -2.68 -6.14
C ILE A 5 -25.56 -1.95 -5.84
N SER A 6 -24.95 -2.30 -4.71
CA SER A 6 -23.66 -1.75 -4.29
C SER A 6 -22.50 -2.57 -4.86
N ILE A 7 -21.42 -1.88 -5.21
CA ILE A 7 -20.15 -2.51 -5.63
C ILE A 7 -19.02 -1.88 -4.83
N HIS A 8 -18.23 -2.74 -4.16
CA HIS A 8 -17.12 -2.30 -3.31
C HIS A 8 -15.83 -2.94 -3.80
N VAL A 9 -14.85 -2.11 -4.17
CA VAL A 9 -13.66 -2.53 -4.90
C VAL A 9 -12.40 -1.98 -4.25
N GLY A 10 -11.47 -2.87 -3.93
CA GLY A 10 -10.16 -2.52 -3.36
C GLY A 10 -9.96 -2.98 -1.92
N GLN A 11 -9.15 -2.24 -1.17
CA GLN A 11 -9.10 -2.39 0.28
C GLN A 11 -9.99 -1.33 0.90
N ALA A 12 -9.72 -0.09 0.51
CA ALA A 12 -10.39 1.09 1.06
C ALA A 12 -11.89 0.99 0.89
N GLY A 13 -12.27 0.64 -0.34
CA GLY A 13 -13.67 0.51 -0.73
C GLY A 13 -14.35 -0.54 0.13
N VAL A 14 -13.66 -1.68 0.30
CA VAL A 14 -14.20 -2.79 1.08
C VAL A 14 -14.41 -2.35 2.52
N GLN A 15 -13.43 -1.61 3.07
CA GLN A 15 -13.49 -1.10 4.43
C GLN A 15 -14.74 -0.22 4.60
N ILE A 16 -14.90 0.67 3.63
CA ILE A 16 -16.02 1.61 3.62
C ILE A 16 -17.35 0.85 3.61
N GLY A 17 -17.39 -0.16 2.75
CA GLY A 17 -18.53 -1.01 2.54
C GLY A 17 -18.90 -1.70 3.81
N ASN A 18 -17.92 -2.19 4.59
CA ASN A 18 -18.23 -2.86 5.86
C ASN A 18 -19.02 -1.95 6.79
N ALA A 19 -18.51 -0.74 6.89
CA ALA A 19 -19.09 0.30 7.74
C ALA A 19 -20.52 0.58 7.30
N CYS A 20 -20.67 0.73 5.98
CA CYS A 20 -21.96 1.02 5.36
C CYS A 20 -22.96 -0.06 5.70
N TRP A 21 -22.52 -1.30 5.56
CA TRP A 21 -23.41 -2.44 5.80
C TRP A 21 -23.82 -2.48 7.26
N GLU A 22 -22.86 -2.19 8.15
CA GLU A 22 -23.15 -2.14 9.60
C GLU A 22 -24.25 -1.11 9.87
N LEU A 23 -24.06 0.06 9.26
CA LEU A 23 -24.99 1.17 9.42
C LEU A 23 -26.39 0.77 8.97
N TYR A 24 -26.43 0.12 7.80
CA TYR A 24 -27.68 -0.34 7.21
C TYR A 24 -28.39 -1.29 8.15
N CYS A 25 -27.61 -2.23 8.70
CA CYS A 25 -28.15 -3.23 9.62
C CYS A 25 -28.74 -2.55 10.85
N LEU A 26 -28.01 -1.56 11.37
CA LEU A 26 -28.47 -0.82 12.54
C LEU A 26 -29.78 -0.11 12.25
N GLU A 27 -29.86 0.48 11.06
CA GLU A 27 -31.06 1.18 10.61
C GLU A 27 -32.26 0.25 10.56
N HIS A 28 -32.14 -0.89 9.90
CA HIS A 28 -33.30 -1.75 9.60
C HIS A 28 -33.49 -2.94 10.54
N GLY A 29 -32.76 -2.93 11.67
CA GLY A 29 -32.93 -3.96 12.69
C GLY A 29 -32.49 -5.37 12.34
N ILE A 30 -31.73 -5.51 11.25
CA ILE A 30 -31.26 -6.82 10.81
C ILE A 30 -30.09 -7.23 11.72
N GLN A 31 -30.14 -8.46 12.21
CA GLN A 31 -29.06 -9.00 13.03
C GLN A 31 -27.86 -9.38 12.17
N PRO A 32 -26.66 -9.53 12.78
CA PRO A 32 -25.48 -9.91 12.00
C PRO A 32 -25.58 -11.24 11.23
N ASP A 33 -26.47 -12.14 11.66
CA ASP A 33 -26.73 -13.40 10.95
C ASP A 33 -27.89 -13.35 9.92
N GLY A 34 -28.36 -12.15 9.57
CA GLY A 34 -29.40 -11.96 8.56
C GLY A 34 -30.84 -12.01 9.02
N GLN A 35 -31.08 -12.28 10.31
CA GLN A 35 -32.44 -12.39 10.85
C GLN A 35 -33.01 -11.02 11.22
N PHE A 49 -37.00 -2.72 2.88
CA PHE A 49 -35.63 -3.26 2.96
C PHE A 49 -35.12 -3.59 1.56
N ASN A 50 -35.98 -4.27 0.79
CA ASN A 50 -35.77 -4.60 -0.64
C ASN A 50 -34.81 -3.73 -1.45
N THR A 51 -34.81 -2.43 -1.17
CA THR A 51 -33.85 -1.47 -1.75
C THR A 51 -32.40 -1.95 -1.70
N PHE A 52 -31.96 -2.43 -0.53
CA PHE A 52 -30.60 -2.95 -0.36
C PHE A 52 -30.51 -4.44 -0.02
N PHE A 53 -31.44 -4.95 0.78
CA PHE A 53 -31.41 -6.35 1.24
C PHE A 53 -32.39 -7.23 0.46
N SER A 54 -31.86 -8.20 -0.26
CA SER A 54 -32.68 -9.18 -0.98
C SER A 54 -33.15 -10.25 0.00
N GLU A 55 -34.47 -10.44 0.06
CA GLU A 55 -35.11 -11.29 1.07
C GLU A 55 -35.39 -12.68 0.52
N THR A 56 -35.04 -13.69 1.32
CA THR A 56 -35.22 -15.11 0.97
C THR A 56 -36.24 -15.84 1.88
N GLY A 57 -36.58 -17.07 1.49
CA GLY A 57 -37.67 -17.81 2.14
C GLY A 57 -37.33 -18.52 3.45
N ALA A 58 -36.73 -17.78 4.40
CA ALA A 58 -36.54 -18.27 5.77
C ALA A 58 -36.41 -17.15 6.81
N GLY A 59 -37.05 -16.01 6.55
CA GLY A 59 -36.87 -14.80 7.35
C GLY A 59 -35.42 -14.36 7.44
N LYS A 60 -34.72 -14.40 6.30
CA LYS A 60 -33.30 -14.05 6.20
C LYS A 60 -33.09 -12.98 5.14
N HIS A 61 -32.35 -11.94 5.52
CA HIS A 61 -32.06 -10.79 4.66
C HIS A 61 -30.58 -10.79 4.28
N VAL A 62 -30.33 -10.72 2.98
CA VAL A 62 -29.00 -10.82 2.39
C VAL A 62 -28.71 -9.56 1.56
N PRO A 63 -27.59 -8.86 1.87
CA PRO A 63 -27.17 -7.71 1.08
C PRO A 63 -27.13 -7.98 -0.43
N ARG A 64 -27.32 -6.91 -1.20
CA ARG A 64 -27.30 -6.97 -2.65
C ARG A 64 -26.09 -6.18 -3.15
N ALA A 65 -24.91 -6.73 -2.83
CA ALA A 65 -23.64 -6.11 -3.14
C ALA A 65 -22.62 -7.02 -3.84
N VAL A 66 -21.66 -6.36 -4.48
CA VAL A 66 -20.51 -6.99 -5.15
C VAL A 66 -19.25 -6.53 -4.41
N PHE A 67 -18.51 -7.49 -3.85
CA PHE A 67 -17.29 -7.22 -3.07
C PHE A 67 -16.10 -7.84 -3.79
N VAL A 68 -15.16 -7.00 -4.25
CA VAL A 68 -14.09 -7.42 -5.15
C VAL A 68 -12.74 -6.94 -4.63
N ASP A 69 -11.80 -7.87 -4.56
CA ASP A 69 -10.40 -7.55 -4.25
C ASP A 69 -9.49 -8.56 -4.92
N LEU A 70 -8.40 -8.04 -5.48
CA LEU A 70 -7.38 -8.86 -6.14
C LEU A 70 -6.44 -9.51 -5.11
N GLU A 71 -6.20 -8.82 -3.98
CA GLU A 71 -5.49 -9.41 -2.84
C GLU A 71 -6.50 -10.08 -1.90
N PRO A 72 -6.28 -11.37 -1.58
CA PRO A 72 -7.18 -12.08 -0.66
C PRO A 72 -6.77 -11.88 0.81
N THR A 73 -7.08 -10.71 1.36
CA THR A 73 -6.75 -10.40 2.75
C THR A 73 -7.92 -9.69 3.42
N VAL A 74 -8.30 -8.56 2.83
CA VAL A 74 -9.44 -7.78 3.32
C VAL A 74 -10.72 -8.62 3.27
N ILE A 75 -10.88 -9.29 2.14
CA ILE A 75 -12.06 -10.14 1.91
C ILE A 75 -12.07 -11.27 2.93
N ASP A 76 -10.90 -11.86 3.17
CA ASP A 76 -10.75 -12.93 4.14
C ASP A 76 -11.15 -12.47 5.52
N GLU A 77 -10.75 -11.26 5.89
CA GLU A 77 -11.11 -10.65 7.17
C GLU A 77 -12.62 -10.57 7.32
N VAL A 78 -13.26 -10.10 6.26
CA VAL A 78 -14.73 -9.97 6.22
C VAL A 78 -15.37 -11.33 6.44
N ARG A 79 -14.84 -12.32 5.72
CA ARG A 79 -15.34 -13.69 5.77
C ARG A 79 -15.23 -14.33 7.16
N THR A 80 -14.25 -13.91 7.95
CA THR A 80 -14.05 -14.44 9.31
C THR A 80 -14.75 -13.62 10.40
N GLY A 81 -14.95 -12.33 10.14
CA GLY A 81 -15.46 -11.40 11.15
C GLY A 81 -16.93 -11.53 11.51
N THR A 82 -17.44 -10.51 12.19
CA THR A 82 -18.78 -10.51 12.78
C THR A 82 -19.90 -10.73 11.79
N TYR A 83 -19.84 -10.04 10.66
CA TYR A 83 -20.90 -10.07 9.65
C TYR A 83 -20.65 -11.09 8.52
N ARG A 84 -20.01 -12.22 8.85
CA ARG A 84 -19.75 -13.28 7.87
C ARG A 84 -21.00 -14.02 7.39
N GLN A 85 -21.92 -14.28 8.31
CA GLN A 85 -23.18 -14.96 7.98
C GLN A 85 -24.13 -14.08 7.17
N LEU A 86 -24.00 -12.76 7.31
CA LEU A 86 -24.80 -11.80 6.55
C LEU A 86 -24.55 -11.93 5.05
N PHE A 87 -23.28 -11.88 4.66
CA PHE A 87 -22.90 -11.87 3.24
C PHE A 87 -22.97 -13.27 2.61
N HIS A 88 -23.22 -13.28 1.30
CA HIS A 88 -23.24 -14.50 0.50
C HIS A 88 -21.79 -14.99 0.30
N PRO A 89 -21.57 -16.31 0.09
CA PRO A 89 -20.23 -16.80 -0.31
C PRO A 89 -19.84 -16.62 -1.79
N GLU A 90 -20.26 -15.50 -2.41
CA GLU A 90 -19.99 -15.21 -3.83
C GLU A 90 -19.84 -13.72 -4.04
N GLN A 91 -20.84 -12.97 -3.55
CA GLN A 91 -20.77 -11.52 -3.44
C GLN A 91 -19.38 -11.06 -3.00
N LEU A 92 -18.80 -11.74 -2.01
CA LEU A 92 -17.39 -11.58 -1.65
C LEU A 92 -16.52 -12.39 -2.60
N ILE A 93 -15.88 -11.70 -3.54
CA ILE A 93 -15.05 -12.30 -4.59
C ILE A 93 -13.58 -12.03 -4.24
N THR A 94 -12.69 -12.94 -4.65
CA THR A 94 -11.27 -12.83 -4.33
C THR A 94 -10.39 -13.12 -5.54
N GLY A 95 -9.13 -12.69 -5.45
CA GLY A 95 -8.10 -12.96 -6.45
C GLY A 95 -6.91 -13.68 -5.81
N LYS A 96 -5.73 -13.43 -6.35
CA LYS A 96 -4.49 -14.04 -5.84
C LYS A 96 -3.37 -13.05 -5.51
N GLU A 97 -3.13 -12.09 -6.41
CA GLU A 97 -2.14 -11.03 -6.18
C GLU A 97 -2.73 -9.66 -6.55
N ASP A 98 -2.48 -8.66 -5.71
CA ASP A 98 -2.95 -7.30 -5.97
C ASP A 98 -2.15 -6.58 -7.05
N ALA A 99 -2.75 -5.51 -7.57
CA ALA A 99 -2.13 -4.69 -8.60
C ALA A 99 -0.86 -3.99 -8.13
N ALA A 100 -0.82 -3.65 -6.85
CA ALA A 100 0.33 -2.97 -6.23
C ALA A 100 0.54 -1.56 -6.81
N ASN A 101 -0.49 -0.73 -6.64
CA ASN A 101 -0.49 0.66 -7.08
C ASN A 101 -0.20 0.83 -8.57
N ASN A 102 -0.66 -0.14 -9.37
CA ASN A 102 -0.36 -0.18 -10.79
C ASN A 102 -1.66 -0.30 -11.60
N TYR A 103 -2.12 0.84 -12.11
CA TYR A 103 -3.25 0.90 -13.05
C TYR A 103 -3.17 -0.16 -14.16
N ALA A 104 -1.98 -0.38 -14.71
CA ALA A 104 -1.80 -1.33 -15.80
C ALA A 104 -2.11 -2.76 -15.40
N ARG A 105 -1.70 -3.16 -14.19
CA ARG A 105 -2.01 -4.49 -13.67
C ARG A 105 -3.49 -4.67 -13.31
N GLY A 106 -4.19 -3.57 -13.06
CA GLY A 106 -5.64 -3.60 -12.86
C GLY A 106 -6.37 -3.65 -14.18
N HIS A 107 -6.16 -2.63 -15.01
CA HIS A 107 -6.98 -2.42 -16.22
C HIS A 107 -6.70 -3.43 -17.33
N TYR A 108 -5.45 -3.86 -17.48
CA TYR A 108 -5.06 -4.72 -18.60
C TYR A 108 -4.76 -6.17 -18.20
N THR A 109 -3.82 -6.36 -17.28
CA THR A 109 -3.24 -7.69 -17.03
C THR A 109 -4.09 -8.62 -16.15
N ILE A 110 -4.28 -8.25 -14.89
CA ILE A 110 -4.93 -9.11 -13.89
C ILE A 110 -6.45 -8.96 -13.83
N GLY A 111 -6.96 -7.78 -14.16
CA GLY A 111 -8.39 -7.50 -14.12
C GLY A 111 -9.22 -8.32 -15.09
N LYS A 112 -8.69 -8.54 -16.29
CA LYS A 112 -9.39 -9.35 -17.31
C LYS A 112 -9.45 -10.86 -17.00
N GLU A 113 -8.92 -11.29 -15.86
CA GLU A 113 -9.13 -12.64 -15.34
C GLU A 113 -10.41 -12.72 -14.50
N ILE A 114 -10.66 -11.71 -13.67
CA ILE A 114 -11.78 -11.69 -12.71
C ILE A 114 -13.05 -11.01 -13.26
N ILE A 115 -12.89 -10.05 -14.17
CA ILE A 115 -13.94 -9.11 -14.53
C ILE A 115 -15.21 -9.83 -14.97
N ASP A 116 -15.03 -10.92 -15.71
CA ASP A 116 -16.14 -11.68 -16.26
C ASP A 116 -17.06 -12.17 -15.15
N LEU A 117 -16.43 -12.72 -14.11
CA LEU A 117 -17.15 -13.25 -12.96
C LEU A 117 -17.98 -12.16 -12.30
N VAL A 118 -17.34 -11.00 -12.13
CA VAL A 118 -17.97 -9.84 -11.52
C VAL A 118 -19.20 -9.42 -12.32
N LEU A 119 -19.03 -9.39 -13.64
CA LEU A 119 -20.10 -9.02 -14.57
C LEU A 119 -21.27 -9.97 -14.41
N ASP A 120 -20.95 -11.26 -14.35
CA ASP A 120 -21.96 -12.31 -14.20
C ASP A 120 -22.76 -12.10 -12.93
N ARG A 121 -22.03 -11.82 -11.85
CA ARG A 121 -22.64 -11.57 -10.54
C ARG A 121 -23.62 -10.40 -10.61
N ILE A 122 -23.14 -9.34 -11.26
CA ILE A 122 -23.94 -8.12 -11.42
C ILE A 122 -25.22 -8.43 -12.17
N ARG A 123 -25.08 -9.21 -13.25
CA ARG A 123 -26.22 -9.60 -14.08
C ARG A 123 -27.23 -10.37 -13.26
N LYS A 124 -26.73 -11.29 -12.45
CA LYS A 124 -27.56 -12.12 -11.57
C LYS A 124 -28.37 -11.22 -10.62
N LEU A 125 -27.66 -10.26 -10.04
CA LEU A 125 -28.27 -9.33 -9.10
C LEU A 125 -29.39 -8.53 -9.78
N ALA A 126 -29.09 -8.08 -10.99
CA ALA A 126 -30.04 -7.32 -11.81
C ALA A 126 -31.29 -8.13 -12.06
N ASP A 127 -31.09 -9.40 -12.39
CA ASP A 127 -32.18 -10.34 -12.66
C ASP A 127 -33.09 -10.45 -11.45
N GLN A 128 -32.49 -10.54 -10.27
CA GLN A 128 -33.27 -10.55 -9.02
C GLN A 128 -34.05 -9.25 -8.66
N CYS A 129 -33.99 -8.20 -9.48
CA CYS A 129 -34.67 -6.92 -9.22
C CYS A 129 -35.78 -6.61 -10.23
N THR A 130 -36.84 -5.95 -9.75
CA THR A 130 -37.99 -5.55 -10.57
C THR A 130 -38.04 -4.03 -10.70
N GLY A 131 -36.90 -3.44 -11.07
CA GLY A 131 -36.74 -1.99 -11.13
C GLY A 131 -35.41 -1.57 -10.54
N LEU A 132 -34.33 -1.94 -11.22
CA LEU A 132 -32.98 -1.60 -10.79
C LEU A 132 -32.70 -0.13 -11.10
N GLN A 133 -32.60 0.69 -10.04
CA GLN A 133 -32.26 2.11 -10.19
C GLN A 133 -30.85 2.32 -10.72
N GLY A 134 -29.94 1.43 -10.35
CA GLY A 134 -28.61 1.38 -10.95
C GLY A 134 -27.57 0.86 -9.99
N PHE A 135 -26.45 1.57 -9.91
CA PHE A 135 -25.27 1.12 -9.19
C PHE A 135 -24.68 2.20 -8.29
N LEU A 136 -24.15 1.74 -7.16
CA LEU A 136 -23.28 2.53 -6.29
C LEU A 136 -21.94 1.81 -6.20
N VAL A 137 -20.87 2.48 -6.64
CA VAL A 137 -19.53 1.89 -6.70
C VAL A 137 -18.58 2.64 -5.75
N PHE A 138 -17.77 1.84 -5.03
CA PHE A 138 -16.82 2.37 -4.05
C PHE A 138 -15.41 1.90 -4.42
N HIS A 139 -14.54 2.88 -4.71
CA HIS A 139 -13.17 2.61 -5.13
C HIS A 139 -12.28 3.74 -4.61
N SER A 140 -11.07 3.84 -5.17
CA SER A 140 -10.13 4.89 -4.79
C SER A 140 -9.28 5.30 -5.97
N PHE A 141 -9.28 6.60 -6.27
CA PHE A 141 -8.27 7.19 -7.14
C PHE A 141 -6.92 7.07 -6.43
N GLY A 142 -5.97 6.38 -7.04
CA GLY A 142 -4.61 6.25 -6.49
C GLY A 142 -4.18 4.84 -6.20
N GLY A 143 -5.11 4.02 -5.72
CA GLY A 143 -4.85 2.60 -5.48
C GLY A 143 -4.73 1.85 -6.80
N GLY A 144 -4.07 0.69 -6.76
CA GLY A 144 -3.85 -0.11 -7.96
C GLY A 144 -5.11 -0.76 -8.50
N THR A 145 -5.88 -1.41 -7.62
CA THR A 145 -7.11 -2.07 -8.01
C THR A 145 -8.21 -1.04 -8.26
N GLY A 146 -8.43 -0.18 -7.27
CA GLY A 146 -9.45 0.88 -7.34
C GLY A 146 -9.36 1.83 -8.52
N SER A 147 -8.16 1.99 -9.09
CA SER A 147 -7.97 2.80 -10.29
C SER A 147 -8.36 2.04 -11.55
N GLY A 148 -7.68 0.93 -11.83
CA GLY A 148 -7.70 0.32 -13.15
C GLY A 148 -8.86 -0.65 -13.27
N PHE A 149 -8.94 -1.54 -12.29
CA PHE A 149 -9.97 -2.58 -12.28
C PHE A 149 -11.35 -1.95 -12.28
N THR A 150 -11.51 -0.93 -11.43
CA THR A 150 -12.79 -0.23 -11.31
C THR A 150 -13.18 0.39 -12.64
N SER A 151 -12.19 1.01 -13.29
CA SER A 151 -12.38 1.65 -14.59
C SER A 151 -12.88 0.63 -15.61
N LEU A 152 -12.21 -0.52 -15.61
CA LEU A 152 -12.54 -1.62 -16.51
C LEU A 152 -13.99 -2.06 -16.31
N LEU A 153 -14.34 -2.21 -15.04
CA LEU A 153 -15.68 -2.64 -14.65
C LEU A 153 -16.71 -1.65 -15.16
N MET A 154 -16.41 -0.37 -14.96
CA MET A 154 -17.32 0.71 -15.32
C MET A 154 -17.58 0.70 -16.80
N GLU A 155 -16.51 0.51 -17.59
CA GLU A 155 -16.61 0.48 -19.05
C GLU A 155 -17.57 -0.65 -19.48
N ARG A 156 -17.36 -1.81 -18.85
CA ARG A 156 -18.17 -2.99 -19.16
C ARG A 156 -19.64 -2.73 -18.84
N LEU A 157 -19.87 -2.10 -17.69
CA LEU A 157 -21.22 -1.75 -17.26
C LEU A 157 -21.88 -0.84 -18.26
N SER A 158 -21.13 0.16 -18.72
CA SER A 158 -21.61 1.12 -19.71
C SER A 158 -22.03 0.40 -20.98
N VAL A 159 -21.17 -0.53 -21.41
CA VAL A 159 -21.41 -1.32 -22.62
C VAL A 159 -22.71 -2.11 -22.47
N ASP A 160 -22.88 -2.72 -21.31
CA ASP A 160 -24.03 -3.56 -21.03
C ASP A 160 -25.38 -2.83 -20.87
N TYR A 161 -25.46 -2.00 -19.82
CA TYR A 161 -26.73 -1.43 -19.35
C TYR A 161 -27.07 -0.07 -19.95
N GLY A 162 -26.07 0.79 -20.10
CA GLY A 162 -26.23 2.08 -20.76
C GLY A 162 -26.98 3.08 -19.90
N LYS A 163 -28.31 2.96 -19.88
CA LYS A 163 -29.17 3.88 -19.10
C LYS A 163 -29.63 3.26 -17.77
N LYS A 164 -28.65 2.75 -17.03
CA LYS A 164 -28.76 2.49 -15.59
C LYS A 164 -27.76 3.40 -14.88
N SER A 165 -28.20 4.02 -13.80
CA SER A 165 -27.38 4.98 -13.04
C SER A 165 -26.11 4.33 -12.53
N LYS A 166 -24.97 4.98 -12.79
CA LYS A 166 -23.66 4.53 -12.32
C LYS A 166 -23.01 5.63 -11.48
N LEU A 167 -23.33 5.61 -10.18
CA LEU A 167 -22.76 6.53 -9.20
C LEU A 167 -21.51 5.94 -8.59
N GLU A 168 -20.50 6.81 -8.42
CA GLU A 168 -19.23 6.44 -7.81
C GLU A 168 -18.94 7.24 -6.54
N PHE A 169 -18.34 6.54 -5.57
CA PHE A 169 -17.80 7.15 -4.35
C PHE A 169 -16.30 6.92 -4.33
N SER A 170 -15.54 8.01 -4.36
CA SER A 170 -14.13 7.99 -4.67
C SER A 170 -13.32 8.76 -3.63
N ILE A 171 -12.21 8.14 -3.23
CA ILE A 171 -11.27 8.73 -2.29
C ILE A 171 -10.18 9.46 -3.07
N TYR A 172 -10.34 10.78 -3.17
CA TYR A 172 -9.42 11.64 -3.92
C TYR A 172 -8.09 11.83 -3.16
N PRO A 173 -6.94 11.77 -3.87
CA PRO A 173 -5.67 12.03 -3.18
C PRO A 173 -5.54 13.47 -2.68
N ALA A 174 -5.05 13.64 -1.46
CA ALA A 174 -4.89 14.96 -0.86
C ALA A 174 -3.69 15.71 -1.47
N PRO A 175 -3.67 17.05 -1.35
CA PRO A 175 -2.52 17.79 -1.90
C PRO A 175 -1.24 17.65 -1.07
N GLN A 176 -1.32 17.94 0.23
CA GLN A 176 -0.14 18.00 1.10
C GLN A 176 0.19 16.69 1.83
N VAL A 177 -0.48 15.59 1.47
CA VAL A 177 -0.27 14.30 2.14
C VAL A 177 -0.67 13.13 1.23
N SER A 178 0.02 12.00 1.38
CA SER A 178 -0.24 10.81 0.58
C SER A 178 0.31 9.55 1.24
N THR A 179 0.00 8.40 0.65
CA THR A 179 0.47 7.09 1.15
C THR A 179 0.99 6.18 0.02
N ALA A 180 1.44 6.78 -1.10
CA ALA A 180 1.92 6.02 -2.26
C ALA A 180 2.54 6.96 -3.30
N VAL A 181 3.74 6.65 -3.76
CA VAL A 181 4.49 7.53 -4.67
C VAL A 181 4.39 7.08 -6.14
N VAL A 182 3.24 6.52 -6.51
CA VAL A 182 2.82 6.44 -7.92
C VAL A 182 1.34 6.85 -8.04
N GLU A 183 0.88 7.64 -7.07
CA GLU A 183 -0.54 8.01 -6.96
C GLU A 183 -1.03 9.02 -8.00
N PRO A 184 -0.13 9.91 -8.51
CA PRO A 184 -0.58 10.84 -9.53
C PRO A 184 -0.94 10.14 -10.82
N TYR A 185 -0.12 9.14 -11.19
CA TYR A 185 -0.26 8.45 -12.47
C TYR A 185 -1.62 7.76 -12.52
N ASN A 186 -1.83 6.96 -11.48
CA ASN A 186 -2.98 6.06 -11.41
C ASN A 186 -4.27 6.85 -11.48
N SER A 187 -4.31 7.91 -10.67
CA SER A 187 -5.47 8.79 -10.57
C SER A 187 -5.77 9.39 -11.93
N ILE A 188 -4.70 9.86 -12.60
CA ILE A 188 -4.83 10.48 -13.91
C ILE A 188 -5.44 9.50 -14.90
N LEU A 189 -4.92 8.27 -14.86
CA LEU A 189 -5.39 7.22 -15.76
C LEU A 189 -6.87 6.95 -15.54
N THR A 190 -7.25 6.88 -14.26
CA THR A 190 -8.64 6.63 -13.86
C THR A 190 -9.53 7.72 -14.42
N THR A 191 -9.08 8.97 -14.27
CA THR A 191 -9.81 10.14 -14.74
C THR A 191 -10.03 10.05 -16.25
N HIS A 192 -8.96 9.67 -16.96
CA HIS A 192 -9.01 9.52 -18.41
C HIS A 192 -10.05 8.49 -18.81
N THR A 193 -10.09 7.35 -18.13
CA THR A 193 -10.94 6.21 -18.51
C THR A 193 -12.24 6.05 -17.73
N THR A 194 -12.61 7.03 -16.92
CA THR A 194 -13.96 7.10 -16.32
C THR A 194 -14.64 8.45 -16.58
N LEU A 195 -14.19 9.14 -17.63
CA LEU A 195 -14.74 10.44 -18.00
C LEU A 195 -15.93 10.27 -18.95
N GLU A 196 -15.97 9.13 -19.66
CA GLU A 196 -17.04 8.84 -20.62
C GLU A 196 -17.90 7.65 -20.19
N HIS A 197 -18.03 7.44 -18.86
CA HIS A 197 -18.76 6.28 -18.32
C HIS A 197 -19.55 6.63 -17.06
N SER A 198 -18.84 7.04 -16.00
CA SER A 198 -19.46 7.38 -14.72
C SER A 198 -20.29 8.66 -14.85
N ASP A 199 -21.50 8.63 -14.32
CA ASP A 199 -22.40 9.79 -14.37
C ASP A 199 -22.11 10.76 -13.23
N CYS A 200 -21.88 10.22 -12.03
CA CYS A 200 -21.46 11.00 -10.87
C CYS A 200 -20.32 10.30 -10.14
N ALA A 201 -19.34 11.09 -9.73
CA ALA A 201 -18.21 10.62 -8.91
C ALA A 201 -18.06 11.50 -7.69
N PHE A 202 -18.71 11.09 -6.59
CA PHE A 202 -18.67 11.80 -5.32
C PHE A 202 -17.30 11.66 -4.64
N MET A 203 -16.86 12.74 -4.01
CA MET A 203 -15.47 12.89 -3.57
C MET A 203 -15.35 13.08 -2.06
N VAL A 204 -14.42 12.32 -1.48
CA VAL A 204 -13.98 12.50 -0.10
C VAL A 204 -12.46 12.45 -0.02
N ASP A 205 -11.92 13.26 0.89
CA ASP A 205 -10.47 13.42 1.06
C ASP A 205 -10.11 13.24 2.54
N ASN A 206 -9.06 12.44 2.79
CA ASN A 206 -8.73 11.98 4.14
C ASN A 206 -8.19 13.11 5.00
N GLU A 207 -7.36 13.96 4.39
CA GLU A 207 -6.79 15.13 5.07
C GLU A 207 -7.90 16.03 5.58
N ALA A 208 -8.89 16.26 4.72
CA ALA A 208 -10.03 17.11 5.03
C ALA A 208 -10.79 16.54 6.22
N ILE A 209 -11.00 15.23 6.19
CA ILE A 209 -11.70 14.53 7.27
C ILE A 209 -10.95 14.70 8.59
N TYR A 210 -9.63 14.56 8.52
CA TYR A 210 -8.78 14.71 9.70
C TYR A 210 -8.92 16.12 10.27
N ASP A 211 -8.90 17.10 9.38
CA ASP A 211 -9.05 18.50 9.76
C ASP A 211 -10.38 18.72 10.48
N ILE A 212 -11.44 18.13 9.91
CA ILE A 212 -12.78 18.22 10.47
C ILE A 212 -12.80 17.65 11.88
N CYS A 213 -12.16 16.49 12.03
CA CYS A 213 -12.07 15.81 13.32
C CYS A 213 -11.39 16.70 14.35
N ARG A 214 -10.29 17.33 13.91
CA ARG A 214 -9.51 18.22 14.77
C ARG A 214 -10.38 19.38 15.24
N ARG A 215 -11.13 19.95 14.29
CA ARG A 215 -11.84 21.20 14.53
C ARG A 215 -13.17 21.01 15.28
N ASN A 216 -14.10 20.31 14.62
CA ASN A 216 -15.49 20.22 15.07
C ASN A 216 -15.70 19.17 16.17
N LEU A 217 -15.20 17.96 15.94
CA LEU A 217 -15.32 16.87 16.91
C LEU A 217 -14.47 17.04 18.18
N ASP A 218 -13.39 17.84 18.08
CA ASP A 218 -12.40 17.99 19.15
C ASP A 218 -11.70 16.65 19.46
N ILE A 219 -11.33 15.94 18.40
CA ILE A 219 -10.64 14.64 18.49
C ILE A 219 -9.40 14.73 17.59
N GLU A 220 -8.23 14.41 18.16
CA GLU A 220 -6.95 14.50 17.44
C GLU A 220 -6.11 13.21 17.57
N ARG A 221 -6.80 12.06 17.64
CA ARG A 221 -6.15 10.75 17.59
C ARG A 221 -7.01 9.78 16.75
N PRO A 222 -7.31 10.14 15.49
CA PRO A 222 -8.26 9.37 14.69
C PRO A 222 -7.64 8.15 14.04
N THR A 223 -8.46 7.37 13.35
CA THR A 223 -8.02 6.20 12.58
C THR A 223 -8.95 6.01 11.38
N TYR A 224 -8.61 5.05 10.51
CA TYR A 224 -9.35 4.83 9.28
C TYR A 224 -10.80 4.47 9.53
N THR A 225 -11.04 3.74 10.62
CA THR A 225 -12.37 3.26 10.97
C THR A 225 -13.35 4.43 11.10
N ASN A 226 -12.90 5.46 11.80
CA ASN A 226 -13.70 6.66 12.04
C ASN A 226 -14.08 7.30 10.71
N LEU A 227 -13.08 7.41 9.84
CA LEU A 227 -13.25 8.00 8.51
C LEU A 227 -14.29 7.23 7.72
N ASN A 228 -14.17 5.90 7.78
CA ASN A 228 -15.09 4.99 7.09
C ASN A 228 -16.51 5.21 7.58
N ARG A 229 -16.65 5.32 8.90
CA ARG A 229 -17.95 5.54 9.52
C ARG A 229 -18.57 6.83 9.02
N LEU A 230 -17.74 7.87 8.97
CA LEU A 230 -18.18 9.18 8.50
C LEU A 230 -18.69 9.09 7.06
N ILE A 231 -17.92 8.38 6.25
CA ILE A 231 -18.27 8.18 4.84
C ILE A 231 -19.61 7.46 4.71
N SER A 232 -19.77 6.44 5.55
CA SER A 232 -20.96 5.62 5.59
C SER A 232 -22.15 6.46 5.94
N GLN A 233 -22.01 7.40 6.88
CA GLN A 233 -23.10 8.32 7.24
C GLN A 233 -23.61 9.08 6.01
N ILE A 234 -22.64 9.61 5.28
CA ILE A 234 -22.90 10.38 4.05
C ILE A 234 -23.66 9.52 3.05
N VAL A 235 -23.17 8.29 2.89
CA VAL A 235 -23.76 7.31 1.97
C VAL A 235 -25.23 7.07 2.33
N SER A 236 -25.45 6.87 3.63
CA SER A 236 -26.78 6.61 4.17
C SER A 236 -27.71 7.77 3.86
N SER A 237 -27.20 8.99 4.07
CA SER A 237 -27.96 10.20 3.81
C SER A 237 -28.35 10.26 2.34
N ILE A 238 -27.40 9.95 1.47
CA ILE A 238 -27.62 9.95 0.02
C ILE A 238 -28.73 8.98 -0.34
N THR A 239 -28.66 7.79 0.27
CA THR A 239 -29.60 6.71 0.00
C THR A 239 -30.85 6.62 0.90
N ALA A 240 -31.04 7.57 1.82
CA ALA A 240 -32.15 7.51 2.79
C ALA A 240 -33.54 7.68 2.15
N SER A 241 -33.59 8.40 1.04
CA SER A 241 -34.86 8.65 0.32
C SER A 241 -35.47 7.40 -0.33
N LEU A 242 -34.62 6.43 -0.67
CA LEU A 242 -35.08 5.17 -1.25
C LEU A 242 -35.74 4.24 -0.23
N ARG A 243 -35.37 4.39 1.05
CA ARG A 243 -35.72 3.44 2.10
C ARG A 243 -36.69 3.94 3.18
N PHE A 244 -37.06 5.22 3.12
CA PHE A 244 -37.99 5.80 4.09
C PHE A 244 -38.92 6.81 3.41
N ASP A 245 -40.00 7.16 4.11
CA ASP A 245 -40.92 8.19 3.64
C ASP A 245 -40.41 9.58 3.99
N GLY A 246 -41.05 10.59 3.42
CA GLY A 246 -40.65 11.98 3.61
C GLY A 246 -41.10 12.86 2.47
N ALA A 247 -41.23 14.16 2.73
CA ALA A 247 -41.48 15.13 1.67
C ALA A 247 -40.22 15.25 0.81
N LEU A 248 -40.39 15.37 -0.51
CA LEU A 248 -39.27 15.50 -1.44
C LEU A 248 -38.36 14.26 -1.48
N ASN A 249 -38.93 13.11 -1.85
CA ASN A 249 -38.17 11.87 -1.98
C ASN A 249 -37.27 11.89 -3.23
N VAL A 250 -35.97 12.05 -3.00
CA VAL A 250 -34.97 12.10 -4.09
C VAL A 250 -34.66 10.68 -4.58
N ASP A 251 -34.27 10.57 -5.85
CA ASP A 251 -33.94 9.30 -6.50
C ASP A 251 -32.46 9.33 -6.91
N LEU A 252 -31.87 8.15 -7.14
CA LEU A 252 -30.51 8.06 -7.69
C LEU A 252 -30.38 8.68 -9.08
N THR A 253 -31.45 8.60 -9.87
CA THR A 253 -31.49 9.18 -11.21
C THR A 253 -31.56 10.71 -11.25
N GLU A 254 -32.02 11.33 -10.16
CA GLU A 254 -32.18 12.78 -10.08
C GLU A 254 -30.84 13.50 -9.95
N PHE A 255 -29.89 12.86 -9.27
CA PHE A 255 -28.58 13.45 -9.02
C PHE A 255 -27.88 13.81 -10.32
N GLN A 256 -27.93 12.87 -11.25
CA GLN A 256 -27.32 13.04 -12.58
C GLN A 256 -27.91 14.26 -13.28
N THR A 257 -29.24 14.35 -13.22
CA THR A 257 -29.98 15.43 -13.85
C THR A 257 -29.56 16.76 -13.25
N ASN A 258 -29.43 16.79 -11.92
CA ASN A 258 -29.28 18.04 -11.19
C ASN A 258 -27.84 18.53 -10.95
N LEU A 259 -26.86 17.63 -11.00
CA LEU A 259 -25.47 17.98 -10.68
C LEU A 259 -24.48 17.89 -11.84
N VAL A 260 -24.96 17.59 -13.04
CA VAL A 260 -24.10 17.41 -14.21
C VAL A 260 -24.58 18.33 -15.33
N PRO A 261 -24.07 19.58 -15.38
CA PRO A 261 -24.44 20.51 -16.45
C PRO A 261 -23.85 20.14 -17.81
N TYR A 262 -22.64 19.58 -17.81
CA TYR A 262 -22.00 19.09 -19.02
C TYR A 262 -21.40 17.72 -18.71
N PRO A 263 -21.40 16.81 -19.70
CA PRO A 263 -21.11 15.39 -19.41
C PRO A 263 -19.70 15.10 -18.87
N ARG A 264 -18.69 15.85 -19.31
CA ARG A 264 -17.34 15.73 -18.74
C ARG A 264 -17.26 16.24 -17.30
N ILE A 265 -17.98 17.33 -16.99
CA ILE A 265 -17.98 17.91 -15.65
C ILE A 265 -18.95 17.15 -14.74
N HIS A 266 -18.42 16.23 -13.93
CA HIS A 266 -19.27 15.39 -13.08
C HIS A 266 -18.60 14.91 -11.78
N PHE A 267 -17.80 15.77 -11.16
CA PHE A 267 -17.18 15.50 -9.87
C PHE A 267 -17.70 16.53 -8.89
N PRO A 268 -18.67 16.15 -8.03
CA PRO A 268 -19.15 16.98 -6.94
C PRO A 268 -18.67 16.51 -5.56
N LEU A 269 -18.42 17.50 -4.70
CA LEU A 269 -17.90 17.28 -3.37
C LEU A 269 -19.05 16.88 -2.48
N ALA A 270 -18.76 16.10 -1.44
CA ALA A 270 -19.76 15.60 -0.50
C ALA A 270 -19.41 16.01 0.92
N THR A 271 -20.31 16.74 1.58
CA THR A 271 -20.11 17.21 2.96
C THR A 271 -21.33 16.96 3.84
N TYR A 272 -21.04 16.84 5.13
CA TYR A 272 -22.02 16.43 6.14
C TYR A 272 -22.01 17.36 7.35
N ALA A 273 -23.21 17.72 7.81
CA ALA A 273 -23.36 18.52 9.01
C ALA A 273 -24.62 18.09 9.77
N PRO A 274 -24.56 18.06 11.11
CA PRO A 274 -23.46 18.42 12.01
C PRO A 274 -22.58 17.23 12.35
N VAL A 275 -21.27 17.36 12.12
CA VAL A 275 -20.27 16.40 12.58
C VAL A 275 -19.73 16.93 13.90
N ILE A 276 -20.36 16.53 14.99
CA ILE A 276 -20.05 17.08 16.31
C ILE A 276 -20.19 16.04 17.43
N SER A 277 -19.34 16.17 18.44
CA SER A 277 -19.28 15.23 19.57
C SER A 277 -20.41 15.50 20.57
N ALA A 278 -20.42 14.70 21.64
CA ALA A 278 -21.45 14.80 22.67
C ALA A 278 -21.41 16.09 23.51
N GLU A 279 -20.20 16.64 23.72
CA GLU A 279 -20.02 17.79 24.61
C GLU A 279 -20.65 19.09 24.09
N LYS A 280 -20.43 19.43 22.82
CA LYS A 280 -20.97 20.65 22.22
C LYS A 280 -22.20 20.41 21.32
N ALA A 281 -22.81 19.22 21.44
CA ALA A 281 -24.16 18.98 20.92
C ALA A 281 -25.20 19.67 21.82
N TYR A 282 -24.95 19.67 23.13
CA TYR A 282 -25.84 20.32 24.09
C TYR A 282 -25.72 21.85 24.05
N HIS A 283 -24.50 22.35 23.88
CA HIS A 283 -24.25 23.79 23.78
C HIS A 283 -24.93 24.40 22.55
N GLU A 284 -24.78 23.72 21.40
CA GLU A 284 -25.37 24.18 20.15
C GLU A 284 -26.89 23.95 20.12
N GLN A 285 -27.60 24.84 19.42
CA GLN A 285 -29.04 24.70 19.19
C GLN A 285 -29.31 23.60 18.16
N LEU A 286 -28.48 23.56 17.12
CA LEU A 286 -28.62 22.64 15.99
C LEU A 286 -29.91 22.84 15.22
N SER A 287 -30.20 24.10 14.89
CA SER A 287 -31.33 24.46 14.05
C SER A 287 -30.97 24.20 12.58
N VAL A 288 -31.96 24.33 11.71
CA VAL A 288 -31.82 23.95 10.30
C VAL A 288 -30.87 24.94 9.61
N ALA A 289 -31.15 26.22 9.85
CA ALA A 289 -30.43 27.32 9.22
C ALA A 289 -28.95 27.23 9.55
N GLU A 290 -28.66 26.99 10.82
CA GLU A 290 -27.28 26.87 11.31
C GLU A 290 -26.56 25.75 10.59
N ILE A 291 -27.25 24.62 10.47
CA ILE A 291 -26.68 23.44 9.81
C ILE A 291 -26.37 23.77 8.36
N THR A 292 -27.30 24.45 7.71
CA THR A 292 -27.15 24.85 6.30
C THR A 292 -25.90 25.73 6.15
N ASN A 293 -25.76 26.68 7.07
CA ASN A 293 -24.63 27.61 7.07
C ASN A 293 -23.32 26.83 7.21
N ALA A 294 -23.32 25.88 8.12
CA ALA A 294 -22.16 25.03 8.37
C ALA A 294 -21.76 24.28 7.12
N CYS A 295 -22.77 23.73 6.44
CA CYS A 295 -22.57 23.04 5.17
C CYS A 295 -21.77 23.86 4.15
N PHE A 296 -22.07 25.15 4.02
CA PHE A 296 -21.36 26.02 3.05
C PHE A 296 -20.05 26.65 3.55
N GLU A 297 -19.65 26.37 4.79
CA GLU A 297 -18.42 26.96 5.37
C GLU A 297 -17.17 26.29 4.77
N PRO A 298 -16.12 27.09 4.45
CA PRO A 298 -14.92 26.53 3.78
C PRO A 298 -14.20 25.40 4.51
N ALA A 299 -14.01 25.56 5.82
CA ALA A 299 -13.29 24.57 6.64
C ALA A 299 -14.05 23.25 6.83
N ASN A 300 -15.38 23.33 6.87
CA ASN A 300 -16.23 22.16 7.09
C ASN A 300 -16.30 21.19 5.90
N GLN A 301 -15.98 21.68 4.70
CA GLN A 301 -15.93 20.85 3.48
C GLN A 301 -15.01 19.64 3.64
N MET A 302 -15.38 18.53 2.99
CA MET A 302 -14.65 17.25 3.11
C MET A 302 -13.61 17.03 2.00
N VAL A 303 -13.12 18.09 1.39
CA VAL A 303 -11.90 18.04 0.56
C VAL A 303 -11.01 19.24 0.83
N LYS A 304 -9.79 19.19 0.31
CA LYS A 304 -8.83 20.28 0.46
C LYS A 304 -8.97 21.26 -0.72
N CYS A 305 -10.02 22.08 -0.63
CA CYS A 305 -10.25 23.16 -1.58
C CYS A 305 -11.05 24.27 -0.91
N ASP A 306 -10.75 25.52 -1.28
CA ASP A 306 -11.50 26.67 -0.81
C ASP A 306 -12.58 26.95 -1.85
N PRO A 307 -13.87 26.82 -1.46
CA PRO A 307 -14.93 27.23 -2.40
C PRO A 307 -15.08 28.74 -2.59
N ARG A 308 -14.33 29.56 -1.84
CA ARG A 308 -14.18 30.98 -2.18
C ARG A 308 -13.42 31.19 -3.49
N HIS A 309 -12.54 30.25 -3.85
CA HIS A 309 -11.82 30.29 -5.12
C HIS A 309 -12.52 29.42 -6.17
N GLY A 310 -13.80 29.73 -6.42
CA GLY A 310 -14.62 28.95 -7.34
C GLY A 310 -16.09 29.25 -7.22
N LYS A 311 -16.80 29.19 -8.34
CA LYS A 311 -18.24 29.44 -8.38
C LYS A 311 -19.01 28.13 -8.31
N TYR A 312 -20.04 28.08 -7.48
CA TYR A 312 -20.91 26.91 -7.38
C TYR A 312 -21.80 26.82 -8.61
N MET A 313 -21.68 25.74 -9.37
CA MET A 313 -22.58 25.48 -10.50
C MET A 313 -23.93 25.03 -9.97
N ALA A 314 -23.94 23.89 -9.29
CA ALA A 314 -25.15 23.27 -8.78
C ALA A 314 -24.88 22.61 -7.43
N CYS A 315 -25.82 22.80 -6.51
CA CYS A 315 -25.79 22.18 -5.19
C CYS A 315 -27.07 21.36 -4.91
N CYS A 316 -26.88 20.30 -4.14
CA CYS A 316 -27.96 19.41 -3.72
C CYS A 316 -27.89 19.20 -2.21
N LEU A 317 -29.00 19.48 -1.52
CA LEU A 317 -29.11 19.37 -0.06
C LEU A 317 -30.10 18.26 0.32
N LEU A 318 -29.69 17.42 1.26
CA LEU A 318 -30.47 16.26 1.68
C LEU A 318 -30.68 16.28 3.20
N TYR A 319 -31.73 16.99 3.60
CA TYR A 319 -32.11 17.14 5.01
C TYR A 319 -32.76 15.85 5.52
N ARG A 320 -32.33 15.40 6.69
CA ARG A 320 -32.74 14.11 7.25
C ARG A 320 -33.11 14.30 8.71
N GLY A 321 -34.37 14.05 9.05
CA GLY A 321 -34.89 14.18 10.42
C GLY A 321 -35.99 15.22 10.56
N ASP A 322 -35.97 15.96 11.67
CA ASP A 322 -36.95 17.02 11.93
C ASP A 322 -36.59 18.26 11.13
N VAL A 323 -37.40 18.57 10.12
CA VAL A 323 -37.20 19.77 9.31
C VAL A 323 -38.52 20.31 8.80
N VAL A 324 -38.84 21.53 9.24
CA VAL A 324 -39.94 22.29 8.67
C VAL A 324 -39.39 22.85 7.36
N PRO A 325 -40.03 22.51 6.21
CA PRO A 325 -39.55 22.94 4.90
C PRO A 325 -39.43 24.45 4.78
N LYS A 326 -40.28 25.18 5.49
CA LYS A 326 -40.22 26.64 5.55
C LYS A 326 -38.85 27.11 6.01
N ASP A 327 -38.37 26.46 7.09
CA ASP A 327 -37.08 26.79 7.69
C ASP A 327 -35.97 26.58 6.67
N VAL A 328 -36.05 25.45 5.97
CA VAL A 328 -35.08 25.08 4.94
C VAL A 328 -35.04 26.15 3.86
N ASN A 329 -36.22 26.57 3.43
CA ASN A 329 -36.37 27.59 2.40
C ASN A 329 -35.71 28.88 2.83
N ALA A 330 -35.97 29.25 4.09
CA ALA A 330 -35.41 30.47 4.68
C ALA A 330 -33.89 30.42 4.65
N ALA A 331 -33.37 29.25 5.05
CA ALA A 331 -31.92 29.02 5.10
C ALA A 331 -31.32 29.21 3.71
N ILE A 332 -31.99 28.61 2.72
CA ILE A 332 -31.54 28.68 1.33
C ILE A 332 -31.51 30.13 0.87
N ALA A 333 -32.56 30.88 1.20
CA ALA A 333 -32.67 32.28 0.85
C ALA A 333 -31.50 33.07 1.43
N THR A 334 -31.21 32.79 2.70
CA THR A 334 -30.12 33.44 3.41
C THR A 334 -28.79 33.18 2.70
N ILE A 335 -28.59 31.91 2.32
CA ILE A 335 -27.39 31.49 1.63
C ILE A 335 -27.23 32.26 0.31
N LYS A 336 -28.35 32.36 -0.42
CA LYS A 336 -28.39 33.06 -1.69
C LYS A 336 -27.99 34.52 -1.51
N THR A 337 -28.54 35.13 -0.45
CA THR A 337 -28.23 36.51 -0.10
C THR A 337 -26.73 36.76 0.04
N LYS A 338 -26.00 35.86 0.70
CA LYS A 338 -24.54 36.06 0.94
C LYS A 338 -23.75 36.31 -0.35
N ARG A 339 -22.96 37.38 -0.37
CA ARG A 339 -22.18 37.78 -1.55
C ARG A 339 -20.95 36.90 -1.78
N THR A 340 -20.32 36.44 -0.70
CA THR A 340 -19.11 35.60 -0.77
N ILE A 341 -20.52 33.65 -1.20
CA ILE A 341 -20.88 32.35 -1.77
C ILE A 341 -21.32 32.57 -3.22
N GLN A 342 -20.34 32.50 -4.13
CA GLN A 342 -20.54 32.87 -5.53
C GLN A 342 -21.15 31.73 -6.32
N PHE A 343 -22.17 32.03 -7.12
CA PHE A 343 -22.75 31.09 -8.09
C PHE A 343 -22.42 31.54 -9.50
N VAL A 344 -22.52 30.61 -10.46
CA VAL A 344 -22.32 30.95 -11.87
C VAL A 344 -23.46 31.82 -12.41
N ASP A 345 -23.17 32.58 -13.47
CA ASP A 345 -24.16 33.43 -14.14
C ASP A 345 -25.34 32.62 -14.68
N TRP A 346 -25.04 31.45 -15.25
CA TRP A 346 -26.01 30.67 -16.02
C TRP A 346 -26.90 29.70 -15.21
N CYS A 347 -26.68 29.61 -13.89
CA CYS A 347 -27.49 28.73 -13.03
C CYS A 347 -28.05 29.52 -11.84
N PRO A 348 -29.26 30.11 -12.01
CA PRO A 348 -29.85 30.90 -10.93
C PRO A 348 -30.44 29.98 -9.86
N THR A 349 -31.44 29.19 -10.24
CA THR A 349 -31.86 28.02 -9.47
C THR A 349 -30.71 27.02 -9.32
N GLY A 350 -29.97 27.13 -8.21
CA GLY A 350 -28.80 26.28 -7.98
C GLY A 350 -28.93 25.39 -6.75
N PHE A 351 -30.15 24.95 -6.47
CA PHE A 351 -30.45 24.18 -5.28
C PHE A 351 -31.43 23.06 -5.57
N LYS A 352 -31.13 21.89 -5.01
CA LYS A 352 -32.06 20.78 -4.92
C LYS A 352 -32.21 20.33 -3.46
N VAL A 353 -33.46 20.14 -3.04
CA VAL A 353 -33.81 19.90 -1.65
C VAL A 353 -34.52 18.56 -1.48
N GLY A 354 -34.01 17.77 -0.54
CA GLY A 354 -34.57 16.47 -0.18
C GLY A 354 -34.75 16.36 1.32
N ILE A 355 -35.91 15.82 1.72
CA ILE A 355 -36.30 15.75 3.14
C ILE A 355 -36.77 14.32 3.51
N ASN A 356 -36.35 13.86 4.68
CA ASN A 356 -36.79 12.57 5.24
C ASN A 356 -37.21 12.70 6.69
N TYR A 357 -38.30 12.03 7.05
CA TYR A 357 -38.78 11.98 8.44
C TYR A 357 -37.87 11.13 9.34
N GLN A 358 -37.24 10.11 8.76
CA GLN A 358 -36.33 9.24 9.50
C GLN A 358 -35.06 9.99 9.88
N PRO A 359 -34.72 10.07 11.19
CA PRO A 359 -33.45 10.71 11.60
C PRO A 359 -32.21 9.85 11.35
N PRO A 360 -31.00 10.42 11.56
CA PRO A 360 -29.76 9.63 11.56
C PRO A 360 -29.68 8.59 12.67
N THR A 361 -28.82 7.59 12.45
CA THR A 361 -28.70 6.43 13.34
C THR A 361 -27.29 6.30 13.91
N VAL A 362 -27.21 6.12 15.21
CA VAL A 362 -25.96 6.13 15.97
C VAL A 362 -25.38 4.72 16.06
N VAL A 363 -24.08 4.61 15.77
CA VAL A 363 -23.37 3.33 15.75
C VAL A 363 -22.61 3.14 17.06
N PRO A 364 -22.92 2.06 17.82
CA PRO A 364 -22.29 1.81 19.13
C PRO A 364 -20.76 1.81 19.09
N GLY A 365 -20.14 2.46 20.07
CA GLY A 365 -18.69 2.68 20.09
C GLY A 365 -18.25 3.64 19.00
N GLY A 366 -19.05 4.67 18.77
CA GLY A 366 -18.86 5.59 17.64
C GLY A 366 -18.38 6.98 18.04
N ASP A 367 -18.13 7.80 17.02
CA ASP A 367 -17.67 9.18 17.20
C ASP A 367 -18.82 10.16 17.46
N LEU A 368 -19.95 9.95 16.80
CA LEU A 368 -21.03 10.93 16.72
C LEU A 368 -22.14 10.60 17.73
N ALA A 369 -22.78 11.64 18.26
CA ALA A 369 -23.92 11.49 19.16
C ALA A 369 -25.23 11.53 18.39
N LYS A 370 -26.33 11.25 19.09
CA LYS A 370 -27.66 11.33 18.48
C LYS A 370 -28.02 12.77 18.22
N VAL A 371 -28.68 13.02 17.08
CA VAL A 371 -29.15 14.34 16.70
C VAL A 371 -30.62 14.29 16.27
N GLN A 372 -31.27 15.43 16.34
CA GLN A 372 -32.65 15.57 15.87
C GLN A 372 -32.66 15.57 14.33
N ARG A 373 -31.74 16.32 13.75
CA ARG A 373 -31.72 16.59 12.32
C ARG A 373 -30.31 16.71 11.79
N ALA A 374 -30.07 16.10 10.63
CA ALA A 374 -28.78 16.19 9.93
C ALA A 374 -28.94 16.42 8.44
N VAL A 375 -27.89 16.98 7.85
CA VAL A 375 -27.88 17.43 6.46
C VAL A 375 -26.64 16.94 5.74
N CYS A 376 -26.86 16.46 4.51
CA CYS A 376 -25.80 16.07 3.59
C CYS A 376 -25.88 16.91 2.32
N MET A 377 -24.77 17.54 1.96
CA MET A 377 -24.68 18.44 0.82
C MET A 377 -23.73 17.91 -0.25
N LEU A 378 -24.23 17.85 -1.48
CA LEU A 378 -23.46 17.45 -2.65
C LEU A 378 -23.39 18.64 -3.61
N SER A 379 -22.18 19.13 -3.85
CA SER A 379 -21.97 20.40 -4.55
C SER A 379 -20.97 20.23 -5.68
N ASN A 380 -21.36 20.67 -6.87
CA ASN A 380 -20.51 20.65 -8.05
C ASN A 380 -20.03 22.07 -8.33
N THR A 381 -18.72 22.27 -8.23
CA THR A 381 -18.11 23.61 -8.26
C THR A 381 -16.78 23.65 -9.00
N THR A 382 -16.41 24.86 -9.41
CA THR A 382 -15.14 25.12 -10.08
C THR A 382 -13.94 25.17 -9.12
N ALA A 383 -14.17 24.99 -7.82
CA ALA A 383 -13.09 24.85 -6.83
C ALA A 383 -12.21 23.62 -7.04
N ILE A 384 -12.80 22.52 -7.53
CA ILE A 384 -12.06 21.28 -7.83
C ILE A 384 -11.07 21.39 -9.00
N ALA A 385 -11.26 22.43 -9.82
CA ALA A 385 -10.37 22.73 -10.94
C ALA A 385 -8.95 22.94 -10.45
N GLU A 386 -8.80 23.68 -9.35
CA GLU A 386 -7.51 23.95 -8.75
C GLU A 386 -6.81 22.64 -8.38
N ALA A 387 -7.58 21.76 -7.74
CA ALA A 387 -7.08 20.45 -7.32
C ALA A 387 -6.59 19.66 -8.52
N TRP A 388 -7.40 19.68 -9.57
CA TRP A 388 -7.09 18.98 -10.82
C TRP A 388 -5.77 19.48 -11.39
N ALA A 389 -5.64 20.81 -11.39
CA ALA A 389 -4.43 21.48 -11.90
C ALA A 389 -3.21 21.04 -11.13
N ARG A 390 -3.36 20.99 -9.80
CA ARG A 390 -2.29 20.58 -8.90
C ARG A 390 -1.83 19.16 -9.24
N LEU A 391 -2.83 18.29 -9.43
CA LEU A 391 -2.59 16.89 -9.76
C LEU A 391 -1.80 16.78 -11.07
N ASP A 392 -2.24 17.57 -12.04
CA ASP A 392 -1.62 17.61 -13.36
C ASP A 392 -0.17 18.02 -13.25
N HIS A 393 0.07 19.05 -12.44
CA HIS A 393 1.42 19.57 -12.21
C HIS A 393 2.31 18.49 -11.64
N LYS A 394 1.77 17.77 -10.64
CA LYS A 394 2.48 16.67 -9.99
C LYS A 394 2.89 15.62 -11.02
N PHE A 395 1.91 15.27 -11.85
CA PHE A 395 2.09 14.28 -12.91
C PHE A 395 3.23 14.69 -13.84
N ASP A 396 3.18 15.97 -14.24
CA ASP A 396 4.16 16.54 -15.14
C ASP A 396 5.55 16.45 -14.54
N LEU A 397 5.64 16.79 -13.25
CA LEU A 397 6.90 16.75 -12.51
C LEU A 397 7.46 15.34 -12.51
N MET A 398 6.57 14.37 -12.26
CA MET A 398 6.98 12.96 -12.26
C MET A 398 7.36 12.45 -13.66
N TYR A 399 6.45 12.61 -14.62
CA TYR A 399 6.59 12.02 -15.97
C TYR A 399 7.69 12.63 -16.83
N ALA A 400 8.13 13.85 -16.52
CA ALA A 400 9.22 14.52 -17.26
C ALA A 400 10.52 13.70 -17.31
N LYS A 401 10.82 13.00 -16.21
CA LYS A 401 11.99 12.13 -16.10
C LYS A 401 11.72 10.66 -16.47
N ARG A 402 10.49 10.36 -16.91
CA ARG A 402 10.03 8.99 -17.15
C ARG A 402 10.23 8.07 -15.93
N ALA A 403 9.79 8.56 -14.77
CA ALA A 403 9.90 7.82 -13.51
C ALA A 403 8.76 6.81 -13.39
N PHE A 404 9.10 5.60 -12.93
CA PHE A 404 8.14 4.50 -12.73
C PHE A 404 7.44 3.96 -14.00
N VAL A 405 7.76 4.49 -15.17
CA VAL A 405 6.98 4.23 -16.39
C VAL A 405 7.19 2.79 -16.87
N HIS A 406 8.40 2.28 -16.65
CA HIS A 406 8.75 0.88 -16.95
C HIS A 406 7.84 -0.15 -16.28
N TRP A 407 7.32 0.16 -15.10
CA TRP A 407 6.35 -0.71 -14.43
C TRP A 407 5.03 -0.78 -15.20
N TYR A 408 4.51 0.38 -15.59
CA TYR A 408 3.24 0.47 -16.30
C TYR A 408 3.35 -0.05 -17.73
N VAL A 409 4.40 0.39 -18.43
CA VAL A 409 4.68 -0.04 -19.80
C VAL A 409 5.00 -1.54 -19.85
N GLY A 410 5.65 -2.04 -18.81
CA GLY A 410 5.99 -3.46 -18.70
C GLY A 410 4.83 -4.43 -18.49
N GLU A 411 3.60 -3.92 -18.33
CA GLU A 411 2.42 -4.78 -18.19
C GLU A 411 1.29 -4.51 -19.19
N GLY A 412 1.48 -3.60 -20.15
CA GLY A 412 0.45 -3.33 -21.17
C GLY A 412 0.48 -1.95 -21.79
N MET A 413 0.71 -0.93 -20.97
CA MET A 413 0.62 0.47 -21.41
C MET A 413 1.69 0.88 -22.42
N GLU A 414 1.50 2.05 -23.03
CA GLU A 414 2.37 2.59 -24.07
C GLU A 414 2.73 4.04 -23.76
N GLU A 415 3.95 4.43 -24.16
CA GLU A 415 4.34 5.84 -24.16
C GLU A 415 3.53 6.56 -25.25
N GLY A 416 2.75 7.55 -24.85
CA GLY A 416 1.74 8.17 -25.72
C GLY A 416 0.40 8.26 -25.01
N GLU A 417 0.04 7.17 -24.33
CA GLU A 417 -1.17 7.12 -23.51
C GLU A 417 -1.13 8.22 -22.44
N PHE A 418 0.03 8.35 -21.81
CA PHE A 418 0.26 9.36 -20.77
C PHE A 418 0.00 10.76 -21.33
N SER A 419 0.56 11.00 -22.51
CA SER A 419 0.42 12.27 -23.21
C SER A 419 -1.04 12.57 -23.47
N GLU A 420 -1.75 11.55 -23.95
CA GLU A 420 -3.17 11.64 -24.26
C GLU A 420 -3.96 12.04 -23.01
N ALA A 421 -3.63 11.38 -21.90
CA ALA A 421 -4.27 11.62 -20.62
C ALA A 421 -4.06 13.07 -20.20
N ARG A 422 -2.82 13.54 -20.36
CA ARG A 422 -2.46 14.91 -20.01
C ARG A 422 -3.28 15.90 -20.83
N GLU A 423 -3.40 15.61 -22.12
CA GLU A 423 -4.16 16.43 -23.05
C GLU A 423 -5.62 16.53 -22.59
N ASP A 424 -6.17 15.37 -22.23
CA ASP A 424 -7.54 15.26 -21.74
C ASP A 424 -7.74 16.15 -20.51
N MET A 425 -6.78 16.06 -19.59
CA MET A 425 -6.81 16.82 -18.36
C MET A 425 -6.81 18.32 -18.66
N ALA A 426 -5.95 18.71 -19.61
CA ALA A 426 -5.84 20.10 -20.05
C ALA A 426 -7.19 20.59 -20.58
N ALA A 427 -7.81 19.75 -21.41
CA ALA A 427 -9.10 20.05 -22.01
C ALA A 427 -10.14 20.28 -20.92
N LEU A 428 -10.13 19.40 -19.92
CA LEU A 428 -11.04 19.46 -18.78
C LEU A 428 -10.87 20.80 -18.05
N GLU A 429 -9.61 21.16 -17.83
CA GLU A 429 -9.25 22.41 -17.16
C GLU A 429 -9.80 23.60 -17.93
N LYS A 430 -9.62 23.55 -19.25
CA LYS A 430 -10.11 24.61 -20.15
C LYS A 430 -11.61 24.75 -20.03
N ASP A 431 -12.30 23.61 -20.02
CA ASP A 431 -13.75 23.57 -19.88
C ASP A 431 -14.19 24.25 -18.59
N TYR A 432 -13.49 23.90 -17.52
CA TYR A 432 -13.76 24.46 -16.19
C TYR A 432 -13.61 25.98 -16.22
N GLU A 433 -12.53 26.43 -16.86
CA GLU A 433 -12.23 27.84 -17.00
C GLU A 433 -13.37 28.56 -17.72
N GLU A 434 -13.82 27.94 -18.80
CA GLU A 434 -14.91 28.46 -19.62
C GLU A 434 -16.17 28.63 -18.78
N VAL A 435 -16.46 27.58 -18.00
CA VAL A 435 -17.62 27.55 -17.12
C VAL A 435 -17.55 28.71 -16.12
N GLY A 436 -16.37 28.90 -15.55
CA GLY A 436 -16.09 30.00 -14.63
C GLY A 436 -16.53 31.35 -15.17
N VAL A 437 -16.27 31.63 -16.46
CA VAL A 437 -16.65 32.91 -17.09
C VAL A 437 -18.16 33.13 -17.09
N MET B 1 -2.27 -18.68 -1.66
CA MET B 1 -1.76 -17.55 -2.48
C MET B 1 -0.57 -16.88 -1.79
N ARG B 2 0.32 -16.31 -2.58
CA ARG B 2 1.46 -15.54 -2.08
C ARG B 2 2.47 -16.33 -1.23
N GLU B 3 2.92 -17.45 -1.78
CA GLU B 3 4.01 -18.24 -1.19
C GLU B 3 5.39 -17.59 -1.50
N ILE B 4 6.27 -17.57 -0.51
CA ILE B 4 7.65 -17.07 -0.68
C ILE B 4 8.66 -18.18 -0.42
N VAL B 5 9.58 -18.38 -1.36
CA VAL B 5 10.62 -19.40 -1.24
C VAL B 5 11.93 -18.73 -0.81
N HIS B 6 12.53 -19.27 0.25
CA HIS B 6 13.74 -18.70 0.83
C HIS B 6 14.98 -19.50 0.45
N ILE B 7 16.03 -18.81 0.05
CA ILE B 7 17.32 -19.44 -0.23
C ILE B 7 18.40 -18.77 0.63
N GLN B 8 19.17 -19.58 1.33
CA GLN B 8 20.25 -19.07 2.16
C GLN B 8 21.56 -19.72 1.74
N ALA B 9 22.56 -18.91 1.42
CA ALA B 9 23.76 -19.36 0.74
C ALA B 9 25.01 -18.90 1.45
N GLY B 10 25.94 -19.83 1.66
CA GLY B 10 27.21 -19.53 2.28
C GLY B 10 27.08 -19.40 3.79
N GLN B 11 28.18 -19.02 4.41
CA GLN B 11 28.29 -19.02 5.86
C GLN B 11 27.35 -17.99 6.49
N CYS B 12 27.55 -16.72 6.11
CA CYS B 12 26.76 -15.62 6.65
C CYS B 12 25.30 -15.82 6.28
N GLY B 13 25.04 -16.23 5.03
CA GLY B 13 23.70 -16.41 4.55
C GLY B 13 22.95 -17.45 5.37
N ASN B 14 23.61 -18.56 5.67
CA ASN B 14 22.98 -19.60 6.47
C ASN B 14 22.78 -19.19 7.91
N GLN B 15 23.71 -18.39 8.42
CA GLN B 15 23.66 -18.00 9.83
C GLN B 15 22.52 -17.03 10.06
N ILE B 16 22.45 -16.02 9.20
CA ILE B 16 21.36 -15.03 9.24
C ILE B 16 20.03 -15.75 9.05
N GLY B 17 20.00 -16.66 8.08
CA GLY B 17 18.83 -17.45 7.80
C GLY B 17 18.34 -18.22 9.00
N ALA B 18 19.25 -18.83 9.76
CA ALA B 18 18.82 -19.58 10.94
C ALA B 18 18.05 -18.69 11.89
N LYS B 19 18.61 -17.51 12.16
CA LYS B 19 18.01 -16.54 13.06
C LYS B 19 16.65 -16.10 12.53
N PHE B 20 16.58 -15.87 11.23
CA PHE B 20 15.35 -15.43 10.58
C PHE B 20 14.26 -16.47 10.77
N TRP B 21 14.61 -17.73 10.57
CA TRP B 21 13.64 -18.81 10.73
C TRP B 21 13.18 -18.97 12.17
N GLU B 22 14.08 -18.71 13.11
CA GLU B 22 13.72 -18.70 14.53
C GLU B 22 12.66 -17.61 14.77
N VAL B 23 12.95 -16.42 14.26
CA VAL B 23 12.12 -15.26 14.56
C VAL B 23 10.71 -15.45 14.00
N ILE B 24 10.67 -15.88 12.75
CA ILE B 24 9.42 -16.11 12.04
C ILE B 24 8.64 -17.22 12.75
N SER B 25 9.36 -18.25 13.18
CA SER B 25 8.74 -19.35 13.88
C SER B 25 8.06 -18.85 15.14
N ASP B 26 8.76 -18.03 15.91
CA ASP B 26 8.17 -17.53 17.14
C ASP B 26 6.98 -16.63 16.85
N GLU B 27 7.07 -15.82 15.80
CA GLU B 27 5.96 -14.97 15.39
C GLU B 27 4.71 -15.79 15.07
N HIS B 28 4.89 -16.93 14.40
CA HIS B 28 3.76 -17.77 14.00
C HIS B 28 3.35 -18.79 15.06
N GLY B 29 4.03 -18.78 16.20
CA GLY B 29 3.74 -19.73 17.27
C GLY B 29 4.16 -21.16 16.96
N ILE B 30 5.15 -21.31 16.08
CA ILE B 30 5.66 -22.63 15.71
C ILE B 30 6.86 -22.99 16.56
N ASP B 31 6.82 -24.15 17.20
CA ASP B 31 7.95 -24.59 18.04
C ASP B 31 8.99 -25.35 17.19
N PRO B 32 10.19 -25.62 17.73
CA PRO B 32 11.25 -26.19 16.90
C PRO B 32 10.91 -27.55 16.28
N THR B 33 9.89 -28.22 16.81
CA THR B 33 9.48 -29.51 16.29
C THR B 33 8.35 -29.37 15.28
N GLY B 34 8.04 -28.14 14.90
CA GLY B 34 7.04 -27.87 13.87
C GLY B 34 5.61 -27.92 14.36
N SER B 35 5.42 -27.90 15.68
CA SER B 35 4.09 -27.88 16.27
C SER B 35 3.64 -26.43 16.54
N TYR B 36 2.36 -26.18 16.30
CA TYR B 36 1.75 -24.86 16.56
C TYR B 36 1.26 -24.79 18.01
N HIS B 37 1.64 -23.71 18.70
CA HIS B 37 1.16 -23.46 20.07
C HIS B 37 0.77 -21.98 20.24
N GLY B 38 0.05 -21.47 19.25
CA GLY B 38 -0.40 -20.08 19.26
C GLY B 38 -1.75 -19.89 19.95
N ASP B 39 -2.12 -18.62 20.14
CA ASP B 39 -3.34 -18.22 20.84
C ASP B 39 -4.36 -17.53 19.92
N SER B 40 -3.94 -17.20 18.70
CA SER B 40 -4.78 -16.45 17.78
C SER B 40 -4.89 -17.17 16.43
N ASP B 41 -6.06 -17.05 15.82
CA ASP B 41 -6.31 -17.63 14.49
C ASP B 41 -5.55 -16.89 13.41
N LEU B 42 -5.19 -15.63 13.69
CA LEU B 42 -4.40 -14.86 12.76
C LEU B 42 -3.05 -15.51 12.54
N GLN B 43 -2.56 -16.27 13.51
CA GLN B 43 -1.26 -16.91 13.40
C GLN B 43 -1.16 -17.95 12.30
N LEU B 44 -2.28 -18.60 11.99
CA LEU B 44 -2.27 -19.70 11.01
C LEU B 44 -2.83 -19.29 9.65
N GLU B 45 -3.61 -18.22 9.63
CA GLU B 45 -4.37 -17.84 8.45
C GLU B 45 -3.48 -17.76 7.20
N ARG B 46 -2.30 -17.18 7.35
CA ARG B 46 -1.40 -16.98 6.22
C ARG B 46 -0.05 -17.64 6.47
N ILE B 47 -0.05 -18.70 7.27
CA ILE B 47 1.18 -19.42 7.60
C ILE B 47 1.84 -20.01 6.36
N ASN B 48 1.01 -20.28 5.36
CA ASN B 48 1.47 -20.84 4.09
C ASN B 48 2.44 -19.94 3.34
N VAL B 49 2.50 -18.65 3.68
CA VAL B 49 3.44 -17.75 3.04
C VAL B 49 4.88 -18.22 3.24
N TYR B 50 5.20 -18.70 4.43
CA TYR B 50 6.57 -19.18 4.71
C TYR B 50 6.70 -20.67 4.97
N TYR B 51 5.60 -21.33 5.33
CA TYR B 51 5.66 -22.73 5.76
C TYR B 51 4.80 -23.66 4.90
N ASN B 52 5.24 -24.90 4.84
CA ASN B 52 4.55 -26.00 4.20
C ASN B 52 4.09 -27.02 5.26
N GLU B 53 2.85 -27.48 5.13
CA GLU B 53 2.25 -28.35 6.15
C GLU B 53 2.43 -29.82 5.78
N ALA B 54 2.72 -30.65 6.79
CA ALA B 54 2.99 -32.08 6.61
C ALA B 54 2.10 -32.87 7.55
N ALA B 55 2.20 -34.19 7.48
CA ALA B 55 1.35 -35.07 8.27
C ALA B 55 1.57 -34.85 9.76
N GLY B 56 0.47 -34.75 10.51
CA GLY B 56 0.55 -34.56 11.95
C GLY B 56 0.74 -33.12 12.33
N ASN B 57 0.10 -32.22 11.58
CA ASN B 57 0.20 -30.78 11.82
C ASN B 57 1.65 -30.33 12.00
N LYS B 58 2.50 -30.82 11.11
CA LYS B 58 3.91 -30.40 11.09
C LYS B 58 4.08 -29.28 10.06
N TYR B 59 4.84 -28.26 10.41
CA TYR B 59 5.10 -27.16 9.49
C TYR B 59 6.58 -27.11 9.17
N VAL B 60 6.91 -27.03 7.89
CA VAL B 60 8.28 -27.11 7.41
C VAL B 60 8.61 -25.87 6.55
N PRO B 61 9.56 -25.02 7.00
CA PRO B 61 9.85 -23.83 6.21
C PRO B 61 10.23 -24.15 4.76
N ARG B 62 9.73 -23.35 3.81
CA ARG B 62 10.14 -23.42 2.40
C ARG B 62 11.46 -22.70 2.28
N ALA B 63 12.48 -23.39 2.77
CA ALA B 63 13.84 -22.87 2.82
C ALA B 63 14.80 -23.84 2.15
N ILE B 64 15.70 -23.30 1.34
CA ILE B 64 16.77 -24.07 0.70
C ILE B 64 18.11 -23.57 1.20
N LEU B 65 18.87 -24.49 1.80
CA LEU B 65 20.11 -24.17 2.48
C LEU B 65 21.29 -24.68 1.64
N VAL B 66 22.16 -23.76 1.23
CA VAL B 66 23.18 -24.04 0.22
C VAL B 66 24.56 -23.65 0.72
N ASP B 67 25.52 -24.57 0.60
CA ASP B 67 26.93 -24.24 0.86
C ASP B 67 27.84 -25.22 0.14
N LEU B 68 29.06 -24.77 -0.16
CA LEU B 68 30.09 -25.60 -0.83
C LEU B 68 30.94 -26.39 0.18
N GLU B 69 30.78 -26.07 1.46
CA GLU B 69 31.51 -26.68 2.56
C GLU B 69 30.44 -27.10 3.58
N PRO B 70 30.63 -28.24 4.30
CA PRO B 70 29.55 -28.72 5.18
C PRO B 70 29.47 -28.11 6.58
N GLY B 71 30.56 -27.57 7.08
CA GLY B 71 30.63 -27.08 8.47
C GLY B 71 29.47 -26.24 8.97
N THR B 72 29.18 -25.15 8.25
CA THR B 72 28.20 -24.16 8.68
C THR B 72 26.83 -24.79 8.78
N MET B 73 26.47 -25.58 7.78
CA MET B 73 25.16 -26.22 7.79
C MET B 73 25.07 -27.35 8.82
N ASP B 74 26.19 -27.99 9.10
CA ASP B 74 26.23 -28.95 10.22
C ASP B 74 25.93 -28.23 11.54
N SER B 75 26.51 -27.04 11.69
CA SER B 75 26.27 -26.25 12.89
C SER B 75 24.80 -25.86 12.98
N VAL B 76 24.24 -25.44 11.84
CA VAL B 76 22.84 -25.02 11.77
C VAL B 76 21.93 -26.17 12.20
N ARG B 77 22.21 -27.35 11.69
CA ARG B 77 21.41 -28.54 12.04
C ARG B 77 21.50 -28.86 13.52
N SER B 78 22.70 -28.70 14.08
CA SER B 78 22.93 -28.93 15.48
C SER B 78 22.17 -27.89 16.29
N GLY B 79 21.94 -26.70 15.72
CA GLY B 79 21.32 -25.61 16.43
C GLY B 79 19.90 -25.85 16.91
N PRO B 80 19.29 -24.84 17.59
CA PRO B 80 17.99 -24.98 18.24
C PRO B 80 16.86 -25.32 17.28
N PHE B 81 16.69 -24.51 16.24
CA PHE B 81 15.62 -24.70 15.25
C PHE B 81 16.07 -25.53 14.05
N GLY B 82 17.28 -26.05 14.11
CA GLY B 82 17.86 -26.79 13.00
C GLY B 82 17.07 -28.01 12.58
N GLN B 83 16.41 -28.66 13.53
CA GLN B 83 15.64 -29.87 13.25
C GLN B 83 14.32 -29.58 12.55
N ILE B 84 13.95 -28.30 12.42
CA ILE B 84 12.69 -27.93 11.76
C ILE B 84 12.79 -28.01 10.23
N PHE B 85 14.00 -27.86 9.70
CA PHE B 85 14.18 -27.85 8.25
C PHE B 85 14.04 -29.23 7.63
N ARG B 86 13.61 -29.27 6.38
CA ARG B 86 13.57 -30.52 5.63
C ARG B 86 15.00 -30.98 5.35
N PRO B 87 15.36 -32.20 5.78
CA PRO B 87 16.70 -32.72 5.51
C PRO B 87 17.10 -32.67 4.04
N ASP B 88 16.16 -32.96 3.14
CA ASP B 88 16.42 -32.95 1.70
C ASP B 88 16.68 -31.53 1.15
N ASN B 89 16.44 -30.50 1.96
CA ASN B 89 16.65 -29.13 1.50
C ASN B 89 18.03 -28.55 1.86
N PHE B 90 18.89 -29.38 2.46
CA PHE B 90 20.30 -29.04 2.62
C PHE B 90 21.01 -29.53 1.38
N VAL B 91 21.55 -28.59 0.61
CA VAL B 91 22.30 -28.93 -0.59
C VAL B 91 23.72 -28.43 -0.40
N PHE B 92 24.68 -29.34 -0.41
CA PHE B 92 26.06 -28.95 -0.17
C PHE B 92 27.09 -29.67 -1.04
N GLY B 93 28.21 -28.99 -1.23
CA GLY B 93 29.39 -29.56 -1.87
C GLY B 93 30.41 -29.97 -0.81
N GLN B 94 31.61 -30.33 -1.29
CA GLN B 94 32.66 -30.87 -0.41
C GLN B 94 33.88 -29.96 -0.32
N SER B 95 34.18 -29.27 -1.41
CA SER B 95 35.35 -28.41 -1.43
C SER B 95 34.90 -27.01 -1.08
N GLY B 96 35.74 -26.25 -0.37
CA GLY B 96 35.42 -24.87 0.01
C GLY B 96 35.50 -23.95 -1.19
N ALA B 97 35.17 -22.68 -0.97
CA ALA B 97 35.19 -21.67 -2.02
C ALA B 97 36.36 -20.67 -1.90
N GLY B 98 37.14 -20.75 -0.82
CA GLY B 98 38.33 -19.91 -0.65
C GLY B 98 38.11 -18.42 -0.86
N ASN B 99 36.97 -17.90 -0.43
CA ASN B 99 36.64 -16.49 -0.62
C ASN B 99 36.85 -16.04 -2.06
N ASN B 100 36.46 -16.91 -2.99
CA ASN B 100 36.79 -16.76 -4.38
C ASN B 100 35.51 -16.80 -5.22
N TRP B 101 35.11 -15.65 -5.73
CA TRP B 101 33.89 -15.53 -6.52
C TRP B 101 33.89 -16.49 -7.72
N ALA B 102 35.05 -16.63 -8.36
CA ALA B 102 35.15 -17.52 -9.52
C ALA B 102 34.82 -18.94 -9.16
N LYS B 103 35.29 -19.40 -8.00
CA LYS B 103 34.98 -20.76 -7.56
C LYS B 103 33.48 -20.93 -7.29
N GLY B 104 32.86 -19.91 -6.72
CA GLY B 104 31.42 -19.96 -6.45
C GLY B 104 30.58 -19.90 -7.70
N HIS B 105 30.98 -19.05 -8.65
CA HIS B 105 30.16 -18.77 -9.83
C HIS B 105 30.43 -19.68 -11.04
N TYR B 106 31.69 -20.07 -11.24
CA TYR B 106 32.09 -20.72 -12.50
C TYR B 106 32.52 -22.18 -12.39
N THR B 107 33.11 -22.57 -11.26
CA THR B 107 33.75 -23.89 -11.18
C THR B 107 33.06 -24.76 -10.11
N GLU B 108 33.43 -24.62 -8.85
CA GLU B 108 32.83 -25.45 -7.78
C GLU B 108 31.30 -25.27 -7.74
N GLY B 109 30.86 -24.01 -7.81
CA GLY B 109 29.44 -23.72 -7.75
C GLY B 109 28.70 -24.22 -8.95
N ALA B 110 29.33 -24.16 -10.12
CA ALA B 110 28.71 -24.63 -11.35
C ALA B 110 28.37 -26.12 -11.23
N GLU B 111 29.20 -26.87 -10.52
CA GLU B 111 28.95 -28.31 -10.38
C GLU B 111 27.73 -28.62 -9.51
N LEU B 112 27.45 -27.76 -8.54
CA LEU B 112 26.36 -27.94 -7.57
C LEU B 112 25.02 -27.29 -7.96
N VAL B 113 25.04 -26.32 -8.85
CA VAL B 113 23.90 -25.43 -9.02
C VAL B 113 22.67 -26.14 -9.59
N ASP B 114 22.89 -27.12 -10.44
CA ASP B 114 21.79 -27.85 -11.04
C ASP B 114 20.95 -28.56 -9.98
N SER B 115 21.63 -29.16 -9.00
CA SER B 115 20.99 -29.82 -7.88
C SER B 115 20.12 -28.87 -7.08
N VAL B 116 20.61 -27.65 -6.89
CA VAL B 116 19.88 -26.61 -6.17
C VAL B 116 18.64 -26.24 -6.97
N LEU B 117 18.83 -26.01 -8.27
CA LEU B 117 17.75 -25.65 -9.17
C LEU B 117 16.64 -26.67 -9.14
N ASP B 118 16.99 -27.95 -9.08
CA ASP B 118 15.99 -29.00 -9.00
C ASP B 118 15.12 -28.88 -7.75
N VAL B 119 15.77 -28.61 -6.63
CA VAL B 119 15.05 -28.44 -5.37
C VAL B 119 14.13 -27.24 -5.46
N VAL B 120 14.65 -26.16 -6.04
CA VAL B 120 13.90 -24.90 -6.19
C VAL B 120 12.63 -25.14 -6.99
N ARG B 121 12.78 -25.86 -8.10
CA ARG B 121 11.66 -26.20 -8.99
C ARG B 121 10.60 -26.97 -8.22
N LYS B 122 11.06 -27.95 -7.45
CA LYS B 122 10.19 -28.79 -6.63
C LYS B 122 9.37 -27.94 -5.66
N GLU B 123 10.02 -26.97 -5.03
CA GLU B 123 9.34 -26.09 -4.10
C GLU B 123 8.33 -25.19 -4.80
N SER B 124 8.74 -24.64 -5.96
CA SER B 124 7.88 -23.74 -6.69
C SER B 124 6.64 -24.46 -7.20
N GLU B 125 6.77 -25.74 -7.51
CA GLU B 125 5.62 -26.55 -7.94
C GLU B 125 4.57 -26.75 -6.84
N SER B 126 4.97 -26.61 -5.58
CA SER B 126 4.06 -26.74 -4.47
C SER B 126 3.35 -25.43 -4.13
N CYS B 127 3.64 -24.37 -4.88
CA CYS B 127 3.02 -23.06 -4.61
C CYS B 127 1.75 -22.86 -5.42
N ASP B 128 0.65 -22.55 -4.74
CA ASP B 128 -0.61 -22.21 -5.41
C ASP B 128 -0.41 -20.98 -6.28
N CYS B 129 0.21 -19.95 -5.70
CA CYS B 129 0.62 -18.75 -6.44
C CYS B 129 1.90 -18.16 -5.84
N LEU B 130 3.04 -18.66 -6.31
CA LEU B 130 4.36 -18.22 -5.84
C LEU B 130 4.59 -16.73 -6.09
N GLN B 131 4.84 -15.98 -5.02
CA GLN B 131 5.15 -14.55 -5.15
C GLN B 131 6.57 -14.34 -5.67
N GLY B 132 7.51 -15.08 -5.12
CA GLY B 132 8.90 -14.86 -5.47
C GLY B 132 9.85 -15.46 -4.46
N PHE B 133 11.12 -15.08 -4.60
CA PHE B 133 12.23 -15.65 -3.84
C PHE B 133 12.94 -14.60 -2.99
N GLN B 134 13.38 -15.03 -1.81
CA GLN B 134 14.19 -14.22 -0.89
C GLN B 134 15.54 -14.91 -0.71
N LEU B 135 16.63 -14.19 -0.97
CA LEU B 135 17.97 -14.73 -0.78
C LEU B 135 18.75 -14.01 0.29
N THR B 136 19.49 -14.77 1.07
CA THR B 136 20.38 -14.22 2.11
C THR B 136 21.81 -14.68 1.83
N HIS B 137 22.73 -13.71 1.72
CA HIS B 137 24.16 -14.00 1.48
C HIS B 137 25.03 -12.81 1.77
N SER B 138 26.35 -13.04 1.75
CA SER B 138 27.36 -11.99 1.82
C SER B 138 27.85 -11.71 0.41
N LEU B 139 28.41 -10.52 0.20
CA LEU B 139 28.89 -10.10 -1.12
C LEU B 139 30.42 -10.27 -1.25
N GLY B 140 31.09 -10.39 -0.11
CA GLY B 140 32.56 -10.37 -0.06
C GLY B 140 33.28 -11.71 -0.15
N GLY B 141 32.54 -12.82 -0.01
CA GLY B 141 33.14 -14.15 0.02
C GLY B 141 33.06 -14.83 -1.33
N GLY B 142 33.04 -16.16 -1.33
CA GLY B 142 33.01 -16.95 -2.55
C GLY B 142 31.66 -17.62 -2.79
N THR B 143 31.11 -18.23 -1.76
CA THR B 143 29.89 -19.02 -1.90
C THR B 143 28.64 -18.13 -2.01
N GLY B 144 28.40 -17.33 -0.99
CA GLY B 144 27.25 -16.44 -1.01
C GLY B 144 27.30 -15.50 -2.19
N SER B 145 28.51 -15.00 -2.48
CA SER B 145 28.70 -14.01 -3.54
C SER B 145 28.64 -14.65 -4.93
N GLY B 146 29.50 -15.62 -5.20
CA GLY B 146 29.60 -16.26 -6.51
C GLY B 146 28.49 -17.26 -6.77
N MET B 147 28.37 -18.22 -5.86
CA MET B 147 27.33 -19.25 -5.97
C MET B 147 25.95 -18.56 -5.89
N GLY B 148 25.83 -17.63 -4.95
CA GLY B 148 24.53 -17.01 -4.71
C GLY B 148 24.03 -16.26 -5.94
N THR B 149 24.91 -15.46 -6.50
CA THR B 149 24.66 -14.71 -7.71
C THR B 149 24.24 -15.63 -8.86
N LEU B 150 24.98 -16.74 -8.99
CA LEU B 150 24.72 -17.74 -10.00
C LEU B 150 23.29 -18.26 -9.87
N LEU B 151 22.90 -18.58 -8.63
CA LEU B 151 21.56 -19.11 -8.38
C LEU B 151 20.49 -18.12 -8.83
N ILE B 152 20.72 -16.86 -8.47
CA ILE B 152 19.82 -15.76 -8.80
C ILE B 152 19.65 -15.67 -10.30
N SER B 153 20.77 -15.77 -11.03
CA SER B 153 20.76 -15.70 -12.48
C SER B 153 19.85 -16.79 -13.07
N LYS B 154 20.04 -17.99 -12.53
CA LYS B 154 19.33 -19.16 -13.01
C LYS B 154 17.84 -18.99 -12.77
N ILE B 155 17.49 -18.58 -11.56
CA ILE B 155 16.10 -18.51 -11.17
C ILE B 155 15.40 -17.41 -11.94
N ARG B 156 16.06 -16.26 -12.13
CA ARG B 156 15.44 -15.18 -12.90
C ARG B 156 15.19 -15.59 -14.34
N GLU B 157 16.11 -16.36 -14.91
CA GLU B 157 15.95 -16.87 -16.27
C GLU B 157 14.71 -17.77 -16.36
N GLU B 158 14.51 -18.61 -15.34
CA GLU B 158 13.39 -19.54 -15.32
C GLU B 158 12.07 -18.94 -14.85
N TYR B 159 12.13 -17.93 -13.98
CA TYR B 159 10.95 -17.31 -13.39
C TYR B 159 11.04 -15.78 -13.52
N PRO B 160 11.11 -15.28 -14.75
CA PRO B 160 11.44 -13.88 -14.94
C PRO B 160 10.33 -12.92 -14.49
N ASP B 161 9.12 -13.44 -14.26
CA ASP B 161 7.98 -12.60 -13.88
C ASP B 161 7.64 -12.73 -12.40
N ARG B 162 8.57 -13.27 -11.61
CA ARG B 162 8.43 -13.30 -10.15
C ARG B 162 9.39 -12.31 -9.50
N ILE B 163 9.14 -12.00 -8.23
CA ILE B 163 9.98 -11.06 -7.47
C ILE B 163 11.26 -11.76 -6.97
N MET B 164 12.40 -11.09 -7.11
CA MET B 164 13.68 -11.64 -6.69
C MET B 164 14.27 -10.61 -5.76
N ASN B 165 14.27 -10.88 -4.44
CA ASN B 165 14.80 -9.90 -3.49
C ASN B 165 15.86 -10.53 -2.62
N THR B 166 16.88 -9.75 -2.31
CA THR B 166 18.04 -10.25 -1.56
C THR B 166 18.34 -9.40 -0.35
N PHE B 167 18.82 -10.04 0.71
CA PHE B 167 19.40 -9.36 1.85
C PHE B 167 20.88 -9.69 1.73
N SER B 168 21.65 -8.65 1.41
CA SER B 168 23.04 -8.82 1.00
C SER B 168 23.96 -8.10 1.98
N VAL B 169 24.80 -8.85 2.68
CA VAL B 169 25.75 -8.27 3.64
C VAL B 169 27.00 -7.77 2.89
N VAL B 170 27.25 -6.46 2.97
CA VAL B 170 28.34 -5.83 2.18
C VAL B 170 29.57 -5.47 3.02
N PRO B 171 30.72 -5.25 2.35
CA PRO B 171 31.91 -4.86 3.12
C PRO B 171 31.82 -3.46 3.72
N SER B 172 32.58 -3.24 4.79
CA SER B 172 32.49 -2.00 5.56
C SER B 172 33.76 -1.16 5.42
N PRO B 173 33.60 0.18 5.33
CA PRO B 173 34.71 1.03 4.88
C PRO B 173 35.95 0.96 5.77
N LYS B 174 35.76 0.69 7.06
CA LYS B 174 36.89 0.73 7.99
C LYS B 174 37.66 -0.57 8.02
N VAL B 175 36.94 -1.66 8.27
CA VAL B 175 37.56 -2.90 8.68
C VAL B 175 37.04 -4.03 7.82
N SER B 176 37.77 -4.28 6.74
CA SER B 176 37.47 -5.38 5.84
C SER B 176 37.71 -6.72 6.54
N ASP B 177 36.90 -7.71 6.17
CA ASP B 177 37.01 -9.07 6.69
C ASP B 177 37.74 -10.06 5.76
N THR B 178 37.94 -9.71 4.49
CA THR B 178 38.83 -10.47 3.61
C THR B 178 39.59 -9.55 2.65
N VAL B 179 40.71 -10.04 2.12
CA VAL B 179 41.61 -9.22 1.31
C VAL B 179 41.05 -9.04 -0.11
N VAL B 180 40.39 -10.07 -0.62
CA VAL B 180 39.85 -9.99 -1.98
C VAL B 180 38.42 -9.46 -2.04
N GLU B 181 37.95 -8.90 -0.92
CA GLU B 181 36.57 -8.45 -0.79
C GLU B 181 36.10 -7.57 -1.93
N PRO B 182 36.94 -6.55 -2.33
CA PRO B 182 36.55 -5.64 -3.38
C PRO B 182 36.26 -6.36 -4.67
N TYR B 183 37.07 -7.37 -4.99
CA TYR B 183 36.91 -8.14 -6.23
C TYR B 183 35.59 -8.90 -6.17
N ASN B 184 35.37 -9.59 -5.06
CA ASN B 184 34.19 -10.42 -4.95
C ASN B 184 32.92 -9.59 -4.99
N ALA B 185 32.94 -8.48 -4.25
CA ALA B 185 31.79 -7.59 -4.14
C ALA B 185 31.44 -7.01 -5.50
N THR B 186 32.46 -6.51 -6.21
CA THR B 186 32.25 -5.94 -7.52
C THR B 186 31.68 -6.99 -8.47
N LEU B 187 32.22 -8.21 -8.39
CA LEU B 187 31.75 -9.25 -9.29
C LEU B 187 30.30 -9.60 -9.00
N SER B 188 29.91 -9.60 -7.72
CA SER B 188 28.55 -9.95 -7.36
C SER B 188 27.62 -8.82 -7.80
N VAL B 189 27.99 -7.61 -7.40
CA VAL B 189 27.15 -6.42 -7.61
C VAL B 189 26.82 -6.23 -9.08
N HIS B 190 27.81 -6.43 -9.95
CA HIS B 190 27.60 -6.45 -11.39
C HIS B 190 26.41 -7.34 -11.78
N GLN B 191 26.39 -8.55 -11.27
CA GLN B 191 25.30 -9.46 -11.59
C GLN B 191 23.97 -9.03 -10.95
N LEU B 192 24.02 -8.55 -9.71
CA LEU B 192 22.80 -8.13 -9.00
C LEU B 192 22.13 -6.92 -9.63
N VAL B 193 22.93 -6.00 -10.17
CA VAL B 193 22.39 -4.84 -10.87
C VAL B 193 21.39 -5.26 -11.94
N GLU B 194 21.70 -6.34 -12.64
CA GLU B 194 20.87 -6.75 -13.75
C GLU B 194 19.88 -7.87 -13.43
N ASN B 195 20.08 -8.62 -12.34
CA ASN B 195 19.25 -9.81 -12.10
C ASN B 195 18.38 -9.82 -10.84
N THR B 196 18.34 -8.71 -10.11
CA THR B 196 17.47 -8.65 -8.92
C THR B 196 16.53 -7.46 -8.98
N ASP B 197 15.39 -7.61 -8.32
CA ASP B 197 14.35 -6.60 -8.28
C ASP B 197 14.54 -5.65 -7.10
N GLU B 198 15.06 -6.16 -5.99
CA GLU B 198 15.44 -5.31 -4.87
C GLU B 198 16.50 -5.97 -3.99
N THR B 199 17.42 -5.14 -3.50
CA THR B 199 18.48 -5.63 -2.62
C THR B 199 18.61 -4.75 -1.38
N TYR B 200 18.50 -5.37 -0.22
CA TYR B 200 18.65 -4.67 1.04
C TYR B 200 20.12 -4.74 1.41
N CYS B 201 20.74 -3.57 1.54
CA CYS B 201 22.17 -3.45 1.78
C CYS B 201 22.47 -3.35 3.27
N ILE B 202 23.07 -4.39 3.81
CA ILE B 202 23.45 -4.47 5.22
C ILE B 202 24.97 -4.36 5.41
N ASP B 203 25.35 -3.44 6.32
CA ASP B 203 26.75 -3.19 6.67
C ASP B 203 27.02 -3.51 8.14
N ASN B 204 27.93 -4.45 8.39
CA ASN B 204 28.20 -4.93 9.76
C ASN B 204 28.72 -3.82 10.68
N GLU B 205 29.43 -2.86 10.11
CA GLU B 205 29.90 -1.72 10.89
C GLU B 205 28.71 -0.91 11.42
N ALA B 206 27.71 -0.72 10.58
CA ALA B 206 26.51 -0.01 10.99
C ALA B 206 25.81 -0.76 12.11
N LEU B 207 25.75 -2.08 11.99
CA LEU B 207 25.15 -2.90 13.03
C LEU B 207 25.89 -2.75 14.36
N TYR B 208 27.21 -2.73 14.29
CA TYR B 208 28.02 -2.57 15.50
C TYR B 208 27.75 -1.20 16.13
N ASP B 209 27.64 -0.18 15.28
CA ASP B 209 27.32 1.18 15.74
C ASP B 209 25.99 1.19 16.48
N ILE B 210 24.99 0.52 15.89
CA ILE B 210 23.67 0.41 16.47
C ILE B 210 23.76 -0.26 17.86
N CYS B 211 24.51 -1.34 17.91
CA CYS B 211 24.66 -2.09 19.15
C CYS B 211 25.34 -1.26 20.23
N PHE B 212 26.37 -0.51 19.86
CA PHE B 212 27.14 0.25 20.84
C PHE B 212 26.54 1.61 21.17
N ARG B 213 26.26 2.40 20.13
CA ARG B 213 25.75 3.78 20.34
C ARG B 213 24.30 3.78 20.79
N THR B 214 23.46 2.94 20.18
CA THR B 214 22.03 2.98 20.46
C THR B 214 21.63 2.00 21.56
N LEU B 215 21.97 0.72 21.38
CA LEU B 215 21.49 -0.31 22.31
C LEU B 215 22.30 -0.32 23.59
N LYS B 216 23.40 0.43 23.62
CA LYS B 216 24.33 0.48 24.76
C LYS B 216 24.93 -0.89 25.11
N LEU B 217 25.16 -1.72 24.10
CA LEU B 217 25.55 -3.10 24.33
C LEU B 217 27.05 -3.21 24.30
N THR B 218 27.63 -3.56 25.45
CA THR B 218 29.08 -3.65 25.58
C THR B 218 29.66 -4.76 24.71
N THR B 219 28.96 -5.87 24.59
CA THR B 219 29.53 -7.08 23.99
C THR B 219 28.58 -7.78 23.01
N PRO B 220 28.30 -7.14 21.85
CA PRO B 220 27.43 -7.73 20.84
C PRO B 220 28.01 -9.01 20.24
N THR B 221 27.15 -10.02 20.06
CA THR B 221 27.53 -11.24 19.36
C THR B 221 27.02 -11.15 17.93
N TYR B 222 27.60 -11.94 17.03
CA TYR B 222 27.06 -12.01 15.68
C TYR B 222 25.60 -12.42 15.74
N GLY B 223 25.27 -13.25 16.73
CA GLY B 223 23.89 -13.69 16.95
C GLY B 223 22.97 -12.51 17.14
N ASP B 224 23.41 -11.58 17.98
CA ASP B 224 22.64 -10.39 18.27
C ASP B 224 22.48 -9.52 17.02
N LEU B 225 23.56 -9.35 16.26
CA LEU B 225 23.45 -8.60 15.00
C LEU B 225 22.47 -9.26 14.03
N ASN B 226 22.57 -10.59 13.98
CA ASN B 226 21.69 -11.38 13.13
C ASN B 226 20.24 -11.18 13.49
N HIS B 227 19.96 -11.12 14.79
CA HIS B 227 18.61 -10.89 15.29
C HIS B 227 18.00 -9.63 14.71
N LEU B 228 18.78 -8.55 14.74
CA LEU B 228 18.36 -7.26 14.23
C LEU B 228 18.00 -7.35 12.75
N VAL B 229 18.86 -8.03 12.01
CA VAL B 229 18.67 -8.21 10.58
C VAL B 229 17.36 -8.98 10.31
N SER B 230 17.17 -10.04 11.09
CA SER B 230 15.99 -10.88 10.99
C SER B 230 14.74 -10.06 11.24
N ALA B 231 14.79 -9.17 12.24
CA ALA B 231 13.68 -8.30 12.56
C ALA B 231 13.33 -7.43 11.36
N THR B 232 14.34 -6.89 10.71
CA THR B 232 14.11 -6.04 9.53
C THR B 232 13.45 -6.85 8.42
N MET B 233 13.96 -8.07 8.23
CA MET B 233 13.50 -8.98 7.19
C MET B 233 12.02 -9.30 7.36
N SER B 234 11.68 -9.63 8.60
CA SER B 234 10.30 -9.96 8.97
C SER B 234 9.37 -8.79 8.67
N GLY B 235 9.84 -7.57 8.97
CA GLY B 235 9.09 -6.36 8.73
C GLY B 235 8.59 -6.24 7.30
N VAL B 236 9.47 -6.56 6.36
CA VAL B 236 9.19 -6.39 4.95
C VAL B 236 7.97 -7.21 4.54
N THR B 237 7.83 -8.42 5.06
CA THR B 237 6.78 -9.34 4.59
C THR B 237 5.58 -9.41 5.54
N THR B 238 5.58 -8.54 6.54
CA THR B 238 4.52 -8.54 7.55
C THR B 238 3.14 -8.44 6.92
N CYS B 239 3.00 -7.61 5.89
CA CYS B 239 1.70 -7.37 5.30
C CYS B 239 1.20 -8.51 4.44
N LEU B 240 2.04 -9.51 4.17
CA LEU B 240 1.57 -10.71 3.50
C LEU B 240 0.98 -11.69 4.49
N ARG B 241 1.43 -11.58 5.74
CA ARG B 241 1.17 -12.61 6.76
C ARG B 241 0.10 -12.20 7.76
N PHE B 242 -0.28 -10.93 7.77
CA PHE B 242 -1.23 -10.43 8.76
C PHE B 242 -2.16 -9.39 8.16
N PRO B 243 -3.31 -9.15 8.82
CA PRO B 243 -4.19 -8.05 8.38
C PRO B 243 -3.65 -6.64 8.67
N GLY B 244 -4.37 -5.64 8.19
CA GLY B 244 -3.96 -4.25 8.39
C GLY B 244 -4.93 -3.20 7.88
N GLN B 245 -4.52 -1.95 8.03
CA GLN B 245 -5.26 -0.79 7.49
C GLN B 245 -4.74 -0.45 6.08
N LEU B 246 -3.43 -0.52 5.91
CA LEU B 246 -2.84 -0.43 4.59
C LEU B 246 -1.99 -1.66 4.33
N ASN B 247 -2.59 -2.66 3.68
CA ASN B 247 -1.90 -3.92 3.42
C ASN B 247 -0.86 -3.77 2.33
N ALA B 248 0.41 -3.70 2.72
CA ALA B 248 1.52 -3.71 1.76
C ALA B 248 1.80 -5.09 1.15
N ASP B 249 2.80 -5.12 0.28
CA ASP B 249 3.19 -6.32 -0.44
C ASP B 249 4.60 -6.06 -0.98
N LEU B 250 5.35 -7.11 -1.31
CA LEU B 250 6.70 -6.95 -1.85
C LEU B 250 6.67 -6.12 -3.14
N ARG B 251 5.76 -6.53 -4.01
CA ARG B 251 5.62 -5.93 -5.32
C ARG B 251 5.23 -4.48 -5.18
N LYS B 252 4.31 -4.18 -4.28
CA LYS B 252 3.88 -2.80 -4.03
C LYS B 252 5.05 -1.94 -3.62
N LEU B 253 5.85 -2.47 -2.71
CA LEU B 253 7.03 -1.75 -2.20
C LEU B 253 7.98 -1.49 -3.34
N ALA B 254 8.19 -2.48 -4.20
CA ALA B 254 9.07 -2.33 -5.34
C ALA B 254 8.59 -1.20 -6.26
N VAL B 255 7.28 -1.22 -6.51
CA VAL B 255 6.64 -0.23 -7.37
C VAL B 255 6.87 1.17 -6.83
N ASN B 256 6.78 1.33 -5.53
CA ASN B 256 6.89 2.65 -4.93
C ASN B 256 8.34 3.06 -4.64
N MET B 257 9.25 2.09 -4.59
CA MET B 257 10.62 2.36 -4.17
C MET B 257 11.63 2.35 -5.31
N VAL B 258 11.28 1.81 -6.48
CA VAL B 258 12.21 1.76 -7.61
C VAL B 258 11.73 2.63 -8.78
N PRO B 259 12.18 3.89 -8.85
CA PRO B 259 11.73 4.75 -9.94
C PRO B 259 12.46 4.51 -11.27
N PHE B 260 13.64 3.89 -11.21
CA PHE B 260 14.37 3.49 -12.41
C PHE B 260 14.95 2.12 -12.12
N PRO B 261 14.91 1.22 -13.12
CA PRO B 261 15.05 -0.21 -12.85
C PRO B 261 16.34 -0.61 -12.14
N ARG B 262 17.46 0.06 -12.44
CA ARG B 262 18.75 -0.30 -11.85
C ARG B 262 18.94 0.24 -10.43
N LEU B 263 18.19 1.25 -10.04
CA LEU B 263 18.34 1.84 -8.71
C LEU B 263 17.46 1.10 -7.70
N HIS B 264 17.92 -0.06 -7.26
CA HIS B 264 17.11 -0.88 -6.36
C HIS B 264 17.92 -1.36 -5.16
N PHE B 265 18.78 -0.49 -4.66
CA PHE B 265 19.62 -0.81 -3.50
C PHE B 265 19.16 0.01 -2.32
N PHE B 266 18.59 -0.66 -1.29
CA PHE B 266 17.92 0.04 -0.20
C PHE B 266 18.72 0.03 1.11
N MET B 267 18.58 1.08 1.90
CA MET B 267 19.13 1.10 3.25
C MET B 267 18.01 0.76 4.20
N PRO B 268 18.12 -0.38 4.93
CA PRO B 268 17.08 -0.77 5.88
C PRO B 268 17.30 -0.18 7.28
N GLY B 269 16.21 -0.01 8.01
CA GLY B 269 16.29 0.41 9.41
C GLY B 269 15.16 -0.22 10.20
N PHE B 270 15.29 -0.21 11.52
CA PHE B 270 14.28 -0.78 12.42
C PHE B 270 14.09 0.07 13.67
N ALA B 271 12.86 0.11 14.19
CA ALA B 271 12.53 0.88 15.38
C ALA B 271 11.38 0.23 16.14
N PRO B 272 11.34 0.42 17.46
CA PRO B 272 12.33 1.10 18.27
C PRO B 272 13.52 0.19 18.61
N LEU B 273 14.69 0.80 18.78
CA LEU B 273 15.85 0.13 19.34
C LEU B 273 16.30 0.94 20.53
N THR B 274 16.07 0.42 21.72
CA THR B 274 16.34 1.14 22.96
C THR B 274 17.10 0.26 23.97
N SER B 275 18.02 0.89 24.71
CA SER B 275 18.81 0.18 25.70
C SER B 275 17.91 -0.37 26.80
N ARG B 276 18.27 -1.53 27.33
CA ARG B 276 17.55 -2.17 28.43
C ARG B 276 17.51 -1.30 29.70
N GLY B 277 18.56 -0.51 29.91
CA GLY B 277 18.59 0.46 31.01
C GLY B 277 17.53 1.54 30.86
N SER B 278 17.53 2.18 29.69
CA SER B 278 16.60 3.29 29.40
C SER B 278 15.39 2.82 28.58
N GLN B 279 14.52 2.05 29.20
CA GLN B 279 13.27 1.60 28.57
C GLN B 279 12.07 2.41 29.07
N GLN B 280 11.94 2.50 30.40
CA GLN B 280 10.89 3.32 31.03
C GLN B 280 11.04 4.83 30.77
N TYR B 281 12.24 5.27 30.42
CA TYR B 281 12.52 6.68 30.15
C TYR B 281 11.92 7.17 28.81
N ARG B 282 11.75 6.25 27.85
CA ARG B 282 11.18 6.59 26.54
C ARG B 282 9.66 6.45 26.53
N ALA B 283 8.98 7.44 25.95
CA ALA B 283 7.55 7.37 25.65
C ALA B 283 7.42 6.86 24.21
N LEU B 284 6.70 5.75 24.04
CA LEU B 284 6.63 5.07 22.74
C LEU B 284 5.54 5.67 21.84
N THR B 285 5.79 6.89 21.35
CA THR B 285 4.85 7.60 20.47
C THR B 285 5.23 7.42 19.01
N VAL B 286 4.25 7.50 18.13
CA VAL B 286 4.52 7.32 16.70
C VAL B 286 5.51 8.38 16.23
N PRO B 287 5.33 9.67 16.61
CA PRO B 287 6.33 10.69 16.29
C PRO B 287 7.76 10.31 16.66
N GLU B 288 7.95 9.84 17.89
CA GLU B 288 9.28 9.47 18.35
C GLU B 288 9.84 8.32 17.52
N LEU B 289 8.97 7.35 17.23
CA LEU B 289 9.35 6.22 16.39
C LEU B 289 9.81 6.68 15.01
N THR B 290 9.04 7.62 14.46
CA THR B 290 9.36 8.22 13.16
C THR B 290 10.75 8.86 13.19
N GLN B 291 11.01 9.61 14.26
CA GLN B 291 12.30 10.26 14.44
C GLN B 291 13.43 9.26 14.47
N GLN B 292 13.21 8.16 15.20
CA GLN B 292 14.20 7.08 15.24
C GLN B 292 14.49 6.52 13.85
N MET B 293 13.40 6.29 13.12
CA MET B 293 13.43 5.70 11.80
C MET B 293 14.28 6.50 10.86
N PHE B 294 14.11 7.83 10.91
CA PHE B 294 14.79 8.74 10.00
C PHE B 294 16.17 9.16 10.51
N ASP B 295 16.58 8.68 11.69
CA ASP B 295 17.89 9.03 12.23
C ASP B 295 18.98 8.20 11.54
N ALA B 296 20.00 8.86 11.02
CA ALA B 296 21.11 8.18 10.34
C ALA B 296 21.75 7.12 11.22
N LYS B 297 21.76 7.37 12.51
CA LYS B 297 22.36 6.48 13.47
C LYS B 297 21.58 5.18 13.59
N ASN B 298 20.35 5.17 13.07
CA ASN B 298 19.51 3.99 13.13
C ASN B 298 19.41 3.29 11.78
N MET B 299 20.35 3.58 10.89
CA MET B 299 20.41 2.91 9.59
C MET B 299 21.39 1.74 9.61
N MET B 300 21.22 0.81 8.68
CA MET B 300 22.05 -0.39 8.67
C MET B 300 23.00 -0.51 7.46
N ALA B 301 23.27 0.61 6.78
CA ALA B 301 24.22 0.66 5.69
C ALA B 301 25.40 1.59 6.02
N ALA B 302 26.42 1.57 5.18
CA ALA B 302 27.65 2.34 5.44
C ALA B 302 27.56 3.68 4.72
N CYS B 303 26.46 4.39 4.99
CA CYS B 303 26.21 5.66 4.35
C CYS B 303 25.95 6.75 5.40
N ASP B 304 26.25 7.98 5.03
CA ASP B 304 25.66 9.13 5.70
C ASP B 304 24.50 9.57 4.81
N PRO B 305 23.23 9.26 5.20
CA PRO B 305 22.08 9.68 4.39
C PRO B 305 22.03 11.20 4.15
N ARG B 306 22.58 12.00 5.06
CA ARG B 306 22.63 13.45 4.88
C ARG B 306 23.59 13.89 3.77
N HIS B 307 24.41 12.97 3.26
CA HIS B 307 25.30 13.27 2.14
C HIS B 307 24.64 12.94 0.81
N GLY B 308 23.33 12.75 0.81
CA GLY B 308 22.61 12.51 -0.42
C GLY B 308 21.16 12.90 -0.24
N ARG B 309 20.33 12.49 -1.19
CA ARG B 309 18.89 12.75 -1.16
C ARG B 309 18.10 11.44 -1.24
N TYR B 310 16.96 11.38 -0.55
CA TYR B 310 16.07 10.23 -0.66
C TYR B 310 15.22 10.32 -1.92
N LEU B 311 15.33 9.31 -2.79
CA LEU B 311 14.47 9.17 -3.97
C LEU B 311 13.10 8.71 -3.53
N THR B 312 13.07 7.70 -2.68
CA THR B 312 11.83 7.26 -2.06
C THR B 312 12.16 6.51 -0.79
N VAL B 313 11.24 6.59 0.18
CA VAL B 313 11.33 5.81 1.41
C VAL B 313 10.00 5.13 1.69
N ALA B 314 10.06 3.87 2.08
CA ALA B 314 8.88 3.11 2.47
C ALA B 314 8.98 2.78 3.96
N ALA B 315 7.94 3.15 4.70
CA ALA B 315 7.85 2.88 6.13
C ALA B 315 6.71 1.89 6.34
N VAL B 316 7.01 0.83 7.10
CA VAL B 316 6.01 -0.18 7.46
C VAL B 316 5.86 -0.23 8.99
N PHE B 317 4.67 0.16 9.45
CA PHE B 317 4.35 0.30 10.86
C PHE B 317 3.57 -0.91 11.35
N ARG B 318 3.85 -1.30 12.59
CA ARG B 318 3.30 -2.52 13.15
C ARG B 318 2.71 -2.21 14.52
N GLY B 319 1.44 -2.56 14.75
CA GLY B 319 0.76 -2.27 15.99
C GLY B 319 -0.46 -1.40 15.73
N ARG B 320 -1.06 -0.93 16.81
CA ARG B 320 -2.17 0.00 16.73
C ARG B 320 -1.66 1.44 16.59
N MET B 321 -2.14 2.15 15.58
CA MET B 321 -1.87 3.59 15.49
C MET B 321 -2.81 4.40 14.62
N SER B 322 -2.83 5.69 14.91
CA SER B 322 -3.64 6.64 14.17
C SER B 322 -3.02 6.94 12.81
N MET B 323 -3.76 6.59 11.77
CA MET B 323 -3.35 6.90 10.40
C MET B 323 -3.17 8.40 10.23
N LYS B 324 -4.03 9.18 10.89
CA LYS B 324 -3.97 10.65 10.87
C LYS B 324 -2.58 11.09 11.30
N GLU B 325 -2.18 10.55 12.46
CA GLU B 325 -0.90 10.89 13.08
C GLU B 325 0.24 10.53 12.13
N VAL B 326 0.14 9.32 11.56
CA VAL B 326 1.22 8.81 10.74
C VAL B 326 1.42 9.76 9.56
N ASP B 327 0.32 10.03 8.88
CA ASP B 327 0.33 10.90 7.69
C ASP B 327 0.88 12.27 8.03
N GLU B 328 0.45 12.81 9.17
CA GLU B 328 0.88 14.15 9.58
C GLU B 328 2.37 14.18 9.80
N GLN B 329 2.88 13.15 10.46
CA GLN B 329 4.32 13.02 10.71
C GLN B 329 5.09 12.98 9.41
N MET B 330 4.57 12.21 8.46
CA MET B 330 5.23 12.10 7.15
C MET B 330 5.27 13.45 6.45
N LEU B 331 4.16 14.17 6.53
CA LEU B 331 4.09 15.49 5.91
C LEU B 331 5.11 16.43 6.55
N ASN B 332 5.21 16.36 7.87
CA ASN B 332 6.06 17.28 8.61
C ASN B 332 7.51 17.10 8.23
N VAL B 333 7.93 15.83 8.09
CA VAL B 333 9.31 15.51 7.75
C VAL B 333 9.66 16.12 6.40
N GLN B 334 8.75 15.98 5.44
CA GLN B 334 9.04 16.38 4.07
C GLN B 334 9.01 17.89 3.95
N ASN B 335 8.04 18.52 4.59
CA ASN B 335 7.93 19.98 4.52
C ASN B 335 9.14 20.62 5.18
N LYS B 336 9.52 20.09 6.34
CA LYS B 336 10.54 20.74 7.15
C LYS B 336 11.87 20.64 6.43
N ASN B 337 12.14 19.49 5.82
CA ASN B 337 13.47 19.16 5.31
C ASN B 337 13.41 18.71 3.86
N SER B 338 12.71 19.52 3.06
CA SER B 338 12.49 19.24 1.64
C SER B 338 13.77 19.05 0.84
N SER B 339 14.88 19.59 1.33
CA SER B 339 16.17 19.47 0.64
C SER B 339 16.71 18.04 0.61
N TYR B 340 16.26 17.21 1.53
CA TYR B 340 16.76 15.84 1.62
C TYR B 340 15.89 14.87 0.81
N PHE B 341 14.89 15.39 0.11
CA PHE B 341 14.03 14.57 -0.71
C PHE B 341 14.02 15.08 -2.14
N VAL B 342 14.22 14.19 -3.09
CA VAL B 342 14.27 14.60 -4.51
C VAL B 342 12.98 15.35 -4.86
N GLU B 343 13.12 16.51 -5.51
CA GLU B 343 11.97 17.40 -5.71
C GLU B 343 11.07 16.97 -6.85
N TRP B 344 11.56 16.07 -7.70
CA TRP B 344 10.81 15.63 -8.87
C TRP B 344 9.86 14.46 -8.57
N ILE B 345 9.82 14.00 -7.33
CA ILE B 345 8.88 12.95 -6.93
C ILE B 345 8.10 13.45 -5.71
N PRO B 346 6.94 14.12 -5.93
CA PRO B 346 6.13 14.58 -4.79
C PRO B 346 5.63 13.41 -3.96
N ASN B 347 5.57 13.59 -2.64
CA ASN B 347 5.23 12.51 -1.70
C ASN B 347 6.23 11.37 -1.82
N ASN B 348 7.44 11.67 -1.39
CA ASN B 348 8.54 10.70 -1.38
C ASN B 348 8.40 9.58 -0.35
N VAL B 349 7.51 9.72 0.63
CA VAL B 349 7.32 8.71 1.67
C VAL B 349 6.01 7.93 1.46
N LYS B 350 6.14 6.61 1.39
CA LYS B 350 5.00 5.67 1.38
C LYS B 350 4.87 4.97 2.73
N THR B 351 3.64 4.86 3.24
CA THR B 351 3.37 4.23 4.54
C THR B 351 2.50 2.99 4.40
N ALA B 352 2.87 1.93 5.11
CA ALA B 352 2.00 0.76 5.27
C ALA B 352 1.83 0.44 6.75
N VAL B 353 0.71 -0.18 7.12
CA VAL B 353 0.43 -0.48 8.53
C VAL B 353 -0.15 -1.88 8.67
N CYS B 354 0.43 -2.67 9.59
CA CYS B 354 -0.08 -4.00 9.94
C CYS B 354 -0.46 -4.05 11.41
N ASP B 355 -1.66 -4.53 11.68
CA ASP B 355 -2.29 -4.43 13.01
C ASP B 355 -1.54 -5.22 14.07
N ILE B 356 -0.92 -6.32 13.66
CA ILE B 356 -0.34 -7.25 14.63
C ILE B 356 1.13 -6.91 14.87
N PRO B 357 1.48 -6.45 16.09
CA PRO B 357 2.83 -6.02 16.38
C PRO B 357 3.74 -7.19 16.74
N PRO B 358 5.07 -7.01 16.62
CA PRO B 358 5.97 -8.11 16.97
C PRO B 358 5.98 -8.36 18.48
N ARG B 359 6.49 -9.51 18.88
CA ARG B 359 6.47 -9.90 20.28
C ARG B 359 7.14 -8.86 21.15
N GLY B 360 6.53 -8.56 22.30
CA GLY B 360 7.15 -7.72 23.33
C GLY B 360 7.09 -6.23 23.06
N LEU B 361 6.41 -5.84 21.98
CA LEU B 361 6.29 -4.42 21.62
C LEU B 361 4.85 -4.08 21.27
N LYS B 362 4.42 -2.87 21.61
CA LYS B 362 3.09 -2.40 21.26
C LYS B 362 3.13 -1.83 19.86
N MET B 363 4.25 -1.19 19.53
CA MET B 363 4.48 -0.58 18.22
C MET B 363 5.88 -0.88 17.73
N SER B 364 6.03 -1.02 16.43
CA SER B 364 7.36 -1.08 15.82
C SER B 364 7.27 -0.57 14.41
N ALA B 365 8.41 -0.38 13.77
CA ALA B 365 8.42 0.11 12.41
C ALA B 365 9.66 -0.40 11.70
N THR B 366 9.54 -0.57 10.39
CA THR B 366 10.69 -0.91 9.53
C THR B 366 10.80 0.10 8.39
N PHE B 367 12.03 0.56 8.15
CA PHE B 367 12.33 1.66 7.27
C PHE B 367 13.12 1.13 6.07
N ILE B 368 12.75 1.56 4.87
CA ILE B 368 13.43 1.14 3.65
C ILE B 368 13.66 2.40 2.83
N GLY B 369 14.92 2.79 2.64
CA GLY B 369 15.27 4.06 1.97
C GLY B 369 16.06 3.86 0.70
N ASN B 370 15.61 4.45 -0.39
CA ASN B 370 16.38 4.49 -1.62
C ASN B 370 17.01 5.88 -1.70
N SER B 371 18.25 5.98 -1.23
CA SER B 371 18.96 7.26 -1.15
C SER B 371 20.13 7.31 -2.11
N THR B 372 20.35 8.47 -2.71
CA THR B 372 21.48 8.66 -3.61
C THR B 372 22.80 8.58 -2.87
N ALA B 373 22.77 8.62 -1.54
CA ALA B 373 23.98 8.49 -0.75
C ALA B 373 24.66 7.13 -0.93
N ILE B 374 23.87 6.12 -1.32
CA ILE B 374 24.41 4.77 -1.53
C ILE B 374 25.58 4.76 -2.51
N GLN B 375 25.64 5.79 -3.34
CA GLN B 375 26.71 5.91 -4.32
C GLN B 375 28.08 5.91 -3.66
N GLU B 376 28.14 6.39 -2.43
CA GLU B 376 29.42 6.47 -1.73
C GLU B 376 30.00 5.09 -1.54
N LEU B 377 29.15 4.13 -1.18
CA LEU B 377 29.58 2.74 -1.00
C LEU B 377 30.18 2.20 -2.29
N PHE B 378 29.47 2.46 -3.38
CA PHE B 378 29.88 1.92 -4.66
C PHE B 378 31.19 2.55 -5.09
N LYS B 379 31.28 3.87 -4.93
CA LYS B 379 32.47 4.63 -5.30
C LYS B 379 33.68 4.10 -4.52
N ARG B 380 33.48 3.90 -3.23
CA ARG B 380 34.58 3.41 -2.39
C ARG B 380 35.01 2.03 -2.82
N ILE B 381 34.04 1.16 -3.16
CA ILE B 381 34.38 -0.18 -3.61
C ILE B 381 35.19 -0.11 -4.91
N SER B 382 34.75 0.77 -5.81
CA SER B 382 35.36 0.92 -7.12
C SER B 382 36.81 1.36 -6.99
N GLU B 383 37.04 2.32 -6.09
CA GLU B 383 38.38 2.83 -5.82
C GLU B 383 39.30 1.70 -5.37
N GLN B 384 38.77 0.89 -4.46
CA GLN B 384 39.54 -0.20 -3.87
C GLN B 384 39.92 -1.21 -4.95
N PHE B 385 38.92 -1.58 -5.73
CA PHE B 385 39.05 -2.57 -6.80
C PHE B 385 40.11 -2.13 -7.79
N THR B 386 40.00 -0.87 -8.19
CA THR B 386 40.94 -0.33 -9.18
C THR B 386 42.35 -0.32 -8.62
N ALA B 387 42.48 0.03 -7.34
CA ALA B 387 43.78 0.02 -6.68
C ALA B 387 44.46 -1.31 -6.83
N MET B 388 43.71 -2.41 -6.79
CA MET B 388 44.25 -3.76 -6.93
C MET B 388 44.45 -4.18 -8.40
N PHE B 389 43.42 -3.92 -9.19
CA PHE B 389 43.37 -4.42 -10.55
C PHE B 389 44.42 -3.76 -11.44
N ARG B 390 44.69 -2.48 -11.20
CA ARG B 390 45.72 -1.78 -11.98
C ARG B 390 47.10 -2.41 -11.79
N ARG B 391 47.30 -3.15 -10.71
CA ARG B 391 48.53 -3.91 -10.48
C ARG B 391 48.33 -5.42 -10.67
N LYS B 392 47.15 -5.80 -11.16
CA LYS B 392 46.74 -7.21 -11.29
C LYS B 392 47.02 -8.01 -10.03
N ALA B 393 46.86 -7.37 -8.87
CA ALA B 393 47.12 -8.04 -7.59
C ALA B 393 46.05 -9.10 -7.28
N PHE B 394 46.47 -10.27 -6.82
CA PHE B 394 45.59 -11.42 -6.53
C PHE B 394 44.83 -12.00 -7.73
N LEU B 395 45.14 -11.55 -8.94
CA LEU B 395 44.29 -11.88 -10.08
C LEU B 395 44.47 -13.31 -10.56
N HIS B 396 45.64 -13.90 -10.34
CA HIS B 396 45.90 -15.26 -10.83
C HIS B 396 44.92 -16.29 -10.23
N TRP B 397 44.44 -16.03 -9.02
CA TRP B 397 43.46 -16.94 -8.42
C TRP B 397 42.19 -17.02 -9.26
N TYR B 398 41.85 -15.94 -9.98
CA TYR B 398 40.62 -15.86 -10.78
C TYR B 398 40.86 -16.27 -12.24
N THR B 399 41.97 -15.83 -12.81
CA THR B 399 42.27 -16.23 -14.18
C THR B 399 42.48 -17.74 -14.25
N GLY B 400 42.97 -18.32 -13.16
CA GLY B 400 43.17 -19.75 -13.10
C GLY B 400 41.89 -20.55 -13.17
N GLU B 401 40.77 -19.90 -12.88
CA GLU B 401 39.46 -20.52 -13.02
C GLU B 401 38.76 -20.15 -14.32
N GLY B 402 39.48 -19.50 -15.23
CA GLY B 402 38.95 -19.26 -16.56
C GLY B 402 38.40 -17.86 -16.80
N MET B 403 38.39 -17.01 -15.79
CA MET B 403 37.95 -15.62 -15.96
C MET B 403 38.99 -14.83 -16.75
N ASP B 404 38.53 -13.81 -17.47
CA ASP B 404 39.40 -12.94 -18.25
C ASP B 404 39.36 -11.52 -17.70
N GLU B 405 40.40 -10.74 -18.00
CA GLU B 405 40.48 -9.32 -17.63
C GLU B 405 39.24 -8.52 -18.05
N MET B 406 38.72 -8.86 -19.22
CA MET B 406 37.61 -8.11 -19.79
C MET B 406 36.38 -8.11 -18.90
N GLU B 407 36.17 -9.22 -18.18
CA GLU B 407 35.03 -9.30 -17.27
C GLU B 407 35.17 -8.26 -16.16
N PHE B 408 36.38 -8.14 -15.64
CA PHE B 408 36.64 -7.20 -14.56
C PHE B 408 36.39 -5.77 -15.03
N THR B 409 36.85 -5.49 -16.25
CA THR B 409 36.65 -4.15 -16.81
C THR B 409 35.17 -3.86 -16.99
N GLU B 410 34.42 -4.85 -17.46
CA GLU B 410 32.98 -4.74 -17.62
C GLU B 410 32.31 -4.41 -16.30
N ALA B 411 32.73 -5.13 -15.26
CA ALA B 411 32.20 -4.93 -13.91
C ALA B 411 32.45 -3.50 -13.45
N GLU B 412 33.67 -3.03 -13.69
CA GLU B 412 34.06 -1.67 -13.32
C GLU B 412 33.17 -0.64 -14.02
N SER B 413 32.96 -0.89 -15.31
CA SER B 413 32.16 -0.02 -16.16
C SER B 413 30.74 0.07 -15.63
N ASN B 414 30.17 -1.09 -15.29
CA ASN B 414 28.83 -1.15 -14.73
C ASN B 414 28.72 -0.31 -13.47
N MET B 415 29.71 -0.50 -12.61
CA MET B 415 29.77 0.17 -11.31
C MET B 415 29.76 1.68 -11.50
N ASN B 416 30.61 2.10 -12.41
CA ASN B 416 30.77 3.53 -12.66
C ASN B 416 29.50 4.09 -13.23
N ASP B 417 28.86 3.35 -14.12
CA ASP B 417 27.59 3.78 -14.71
C ASP B 417 26.54 3.97 -13.62
N LEU B 418 26.49 3.01 -12.70
CA LEU B 418 25.55 3.05 -11.59
C LEU B 418 25.78 4.30 -10.75
N VAL B 419 27.05 4.56 -10.47
CA VAL B 419 27.43 5.72 -9.68
C VAL B 419 26.98 7.00 -10.37
N SER B 420 27.21 7.06 -11.67
CA SER B 420 26.83 8.22 -12.47
C SER B 420 25.34 8.46 -12.41
N GLU B 421 24.58 7.36 -12.52
CA GLU B 421 23.13 7.41 -12.46
C GLU B 421 22.68 7.99 -11.12
N TYR B 422 23.31 7.49 -10.05
CA TYR B 422 22.97 7.96 -8.71
C TYR B 422 23.25 9.46 -8.57
N GLN B 423 24.40 9.88 -9.11
CA GLN B 423 24.81 11.27 -9.08
C GLN B 423 23.84 12.15 -9.81
N GLN B 424 23.27 11.67 -10.92
CA GLN B 424 22.18 12.41 -11.60
C GLN B 424 21.09 12.92 -10.67
N TYR B 425 20.62 12.06 -9.77
CA TYR B 425 19.47 12.40 -8.95
C TYR B 425 19.92 13.05 -7.65
N GLN B 426 21.23 13.00 -7.41
CA GLN B 426 21.81 13.72 -6.28
C GLN B 426 21.84 15.22 -6.57
PG GTP C . -3.81 -2.12 -4.54
O1G GTP C . -3.60 -2.37 -3.11
O2G GTP C . -4.07 -3.32 -5.36
O3G GTP C . -2.91 -1.17 -5.13
O3B GTP C . -5.15 -1.28 -4.66
PB GTP C . -6.22 -0.97 -3.53
O1B GTP C . -6.35 -2.11 -2.62
O2B GTP C . -7.43 -0.52 -4.23
O3A GTP C . -5.58 0.28 -2.79
PA GTP C . -6.23 1.14 -1.64
O1A GTP C . -5.59 0.83 -0.36
O2A GTP C . -7.70 1.03 -1.78
O5' GTP C . -5.78 2.56 -2.13
C5' GTP C . -4.98 3.41 -1.33
C4' GTP C . -5.69 4.72 -1.08
O4' GTP C . -6.93 4.45 -0.44
C3' GTP C . -4.93 5.62 -0.15
O3' GTP C . -5.19 6.97 -0.53
C2' GTP C . -5.50 5.31 1.21
O2' GTP C . -5.42 6.34 2.17
C1' GTP C . -6.92 5.01 0.87
N9 GTP C . -7.55 4.04 1.76
C8 GTP C . -7.22 2.77 1.88
N7 GTP C . -8.03 2.17 2.78
C5 GTP C . -8.88 3.09 3.21
C6 GTP C . -9.99 3.13 4.15
O6 GTP C . -10.33 2.13 4.77
N1 GTP C . -10.62 4.28 4.31
C2 GTP C . -10.27 5.38 3.66
N2 GTP C . -10.94 6.52 3.87
N3 GTP C . -9.26 5.41 2.78
C4 GTP C . -8.56 4.32 2.53
MG MG D . -5.54 -3.76 -2.20
PB GDP E . 31.19 -17.40 2.40
O1B GDP E . 32.26 -17.64 1.35
O2B GDP E . 30.00 -16.77 1.71
O3B GDP E . 30.82 -18.60 3.20
O3A GDP E . 31.81 -16.23 3.30
PA GDP E . 31.05 -15.47 4.49
O1A GDP E . 31.52 -16.00 5.82
O2A GDP E . 29.57 -15.59 4.39
O5' GDP E . 31.56 -14.02 4.13
C5' GDP E . 32.26 -13.15 5.03
C4' GDP E . 31.43 -11.89 5.25
O4' GDP E . 30.21 -12.23 5.93
C3' GDP E . 32.17 -10.97 6.16
O3' GDP E . 31.88 -9.62 5.83
C2' GDP E . 31.70 -11.32 7.56
O2' GDP E . 31.80 -10.22 8.47
C1' GDP E . 30.27 -11.66 7.29
N9 GDP E . 29.65 -12.66 8.14
C8 GDP E . 29.96 -13.96 8.29
N7 GDP E . 29.08 -14.52 9.15
C5 GDP E . 28.20 -13.56 9.49
C6 GDP E . 27.01 -13.47 10.34
O6 GDP E . 26.61 -14.47 10.94
N1 GDP E . 26.39 -12.29 10.43
C2 GDP E . 26.81 -11.20 9.79
N2 GDP E . 26.10 -10.08 9.95
N3 GDP E . 27.88 -11.19 8.99
C4 GDP E . 28.58 -12.35 8.83
C27 POU F . 14.75 13.62 6.97
C20 POU F . 14.06 13.27 11.77
C16 POU F . 21.57 16.13 11.60
C17 POU F . 19.57 13.01 19.71
C25 POU F . 18.73 16.07 8.95
C18 POU F . 17.31 16.95 15.86
C19 POU F . 15.99 15.29 17.17
C22 POU F . 17.73 14.06 7.57
C26 POU F . 15.85 12.64 6.55
C24 POU F . 18.05 11.67 7.01
C12 POU F . 16.84 15.32 13.27
C14 POU F . 16.11 15.12 10.74
C4 POU F . 21.22 14.49 13.87
C6 POU F . 21.04 14.08 16.43
C21 POU F . 17.88 14.81 8.93
O1 POU F . 19.22 12.07 10.49
O24 POU F . 17.41 10.39 7.05
O11 POU F . 14.93 15.98 14.55
O2 POU F . 21.06 12.17 12.33
O8 POU F . 19.26 15.90 17.83
O91 POU F . 17.70 13.23 15.92
O13 POU F . 15.28 13.54 12.44
O3 POU F . 21.16 14.78 11.50
O7 POU F . 20.58 13.46 18.80
O15 POU F . 18.31 14.02 11.28
O9 POU F . 19.09 14.81 15.07
C1 POU F . 19.14 12.95 11.33
C23 POU F . 17.05 12.70 7.52
C11 POU F . 16.15 15.16 14.62
C13 POU F . 15.76 14.90 12.26
C5 POU F . 20.34 14.06 15.07
C2 POU F . 19.91 13.02 12.46
C8 POU F . 18.81 14.58 17.50
C15 POU F . 17.36 14.31 10.26
C3 POU F . 20.39 14.42 12.63
C7 POU F . 20.02 13.62 17.49
C10 POU F . 16.89 15.49 15.98
C9 POU F . 18.15 14.58 16.15
#